data_6LFZ
#
_entry.id   6LFZ
#
_cell.length_a   107.287
_cell.length_b   216.953
_cell.length_c   104.705
_cell.angle_alpha   90.000
_cell.angle_beta   90.000
_cell.angle_gamma   90.000
#
_symmetry.space_group_name_H-M   'C 2 2 21'
#
loop_
_entity.id
_entity.type
_entity.pdbx_description
1 polymer SbCGTb
2 non-polymer "URIDINE-5'-DIPHOSPHATE-GLUCOSE"
3 water water
#
_entity_poly.entity_id   1
_entity_poly.type   'polypeptide(L)'
_entity_poly.pdbx_seq_one_letter_code
;GMSKSENAGQRPHVAVFPCAGMGHLLPYLRLAAMLHSRGCAVSVISAHPTISDAESRSLSSFFSLYPQIRSLEIQLLPLK
RNPRFTNDDPFFIQRESIGNSIHLLRPLLASLSPPLSAIFVDFPVLTEFSPIAADFSLPTYTLIVTSARFFSLMAHLPRL
LEQEDDISKKSEVCVPHLDPIQVSSIPPQMLDRRHFFVETITSNVASLSYLKGVLINTFTWLEPEAVEALKRNGVDHILP
IGPLEAIKAEESDMDLPWLEEQAPKSVLFISFGSRGAHTKEQLREFAAALEKSGWRFLWVLKSGKVDREDKEETEDILGS
SFLERTKNRGVVIKGWADQERILAHSAIGGFVSHCGWNSVVEAAKLGVPVLAWPPHGDQRVNAEVVEKVGLGLWVRGWGW
AGERLIGRDEIAEKLIELRNDERLRERVKEVREKAREERESGGISETLIRDLIHSLKIK
;
_entity_poly.pdbx_strand_id   A,B
#
loop_
_chem_comp.id
_chem_comp.type
_chem_comp.name
_chem_comp.formula
UPG non-polymer URIDINE-5'-DIPHOSPHATE-GLUCOSE 'C15 H24 N2 O17 P2'
#
# COMPACT_ATOMS: atom_id res chain seq x y z
N GLN A 10 -6.29 -12.46 33.73
CA GLN A 10 -6.79 -13.14 32.55
C GLN A 10 -7.86 -12.32 31.85
N ARG A 11 -7.95 -12.49 30.54
CA ARG A 11 -8.89 -11.73 29.73
C ARG A 11 -9.58 -12.66 28.76
N PRO A 12 -10.83 -12.35 28.44
CA PRO A 12 -11.69 -13.25 27.68
C PRO A 12 -11.26 -13.49 26.25
N HIS A 13 -11.44 -14.70 25.78
CA HIS A 13 -11.05 -15.08 24.45
C HIS A 13 -12.29 -15.18 23.58
N VAL A 14 -12.28 -14.48 22.46
CA VAL A 14 -13.41 -14.47 21.56
C VAL A 14 -12.87 -14.70 20.17
N ALA A 15 -13.70 -15.25 19.31
CA ALA A 15 -13.30 -15.48 17.93
C ALA A 15 -14.26 -14.77 17.01
N VAL A 16 -13.74 -14.28 15.89
CA VAL A 16 -14.55 -13.61 14.90
C VAL A 16 -14.48 -14.40 13.61
N PHE A 17 -15.61 -14.62 12.95
CA PHE A 17 -15.60 -15.47 11.73
C PHE A 17 -16.46 -14.95 10.59
N PRO A 18 -15.89 -14.24 9.61
CA PRO A 18 -16.60 -13.76 8.43
C PRO A 18 -16.62 -14.90 7.40
N CYS A 19 -17.64 -14.98 6.58
CA CYS A 19 -17.69 -16.07 5.58
C CYS A 19 -16.99 -15.65 4.29
N ALA A 20 -17.47 -14.57 3.69
CA ALA A 20 -16.93 -14.14 2.41
C ALA A 20 -17.20 -12.69 2.07
N GLY A 21 -16.36 -12.14 1.23
CA GLY A 21 -16.51 -10.79 0.72
C GLY A 21 -15.76 -9.78 1.54
N MET A 22 -15.29 -8.73 0.90
CA MET A 22 -14.61 -7.65 1.57
C MET A 22 -15.55 -6.94 2.50
N GLY A 23 -16.78 -6.79 2.05
CA GLY A 23 -17.83 -6.14 2.79
C GLY A 23 -18.20 -6.81 4.08
N HIS A 24 -18.23 -8.13 4.09
CA HIS A 24 -18.24 -8.89 5.32
C HIS A 24 -16.95 -8.94 6.13
N LEU A 25 -15.83 -9.14 5.46
CA LEU A 25 -14.55 -9.35 6.15
C LEU A 25 -14.03 -8.18 6.93
N LEU A 26 -14.11 -7.01 6.34
CA LEU A 26 -13.53 -5.83 6.95
C LEU A 26 -14.17 -5.42 8.26
N PRO A 27 -15.48 -5.49 8.33
CA PRO A 27 -16.19 -5.14 9.55
C PRO A 27 -15.81 -6.07 10.66
N TYR A 28 -15.67 -7.35 10.34
CA TYR A 28 -15.22 -8.32 11.29
C TYR A 28 -13.79 -8.10 11.76
N LEU A 29 -12.92 -7.74 10.85
CA LEU A 29 -11.56 -7.43 11.24
C LEU A 29 -11.57 -6.23 12.15
N ARG A 30 -12.42 -5.28 11.81
CA ARG A 30 -12.58 -4.06 12.64
C ARG A 30 -13.18 -4.48 13.98
N LEU A 31 -14.19 -5.33 13.99
CA LEU A 31 -14.80 -5.75 15.27
C LEU A 31 -13.74 -6.43 16.14
N ALA A 32 -12.90 -7.26 15.55
CA ALA A 32 -11.84 -8.00 16.25
C ALA A 32 -10.86 -7.02 16.89
N ALA A 33 -10.46 -6.00 16.16
CA ALA A 33 -9.54 -4.96 16.65
C ALA A 33 -10.21 -4.17 17.76
N MET A 34 -11.50 -3.91 17.62
CA MET A 34 -12.20 -3.15 18.68
C MET A 34 -12.23 -3.99 19.95
N LEU A 35 -12.46 -5.29 19.80
CA LEU A 35 -12.50 -6.22 20.96
C LEU A 35 -11.10 -6.33 21.59
N HIS A 36 -10.04 -6.38 20.80
CA HIS A 36 -8.66 -6.49 21.33
C HIS A 36 -8.29 -5.25 22.13
N SER A 37 -8.68 -4.10 21.63
CA SER A 37 -8.43 -2.77 22.24
C SER A 37 -9.13 -2.67 23.58
N ARG A 38 -10.30 -3.27 23.69
CA ARG A 38 -11.16 -3.20 24.89
C ARG A 38 -10.90 -4.35 25.87
N GLY A 39 -9.80 -5.10 25.70
CA GLY A 39 -9.42 -6.09 26.70
C GLY A 39 -9.69 -7.55 26.41
N CYS A 40 -10.05 -7.93 25.19
CA CYS A 40 -10.27 -9.37 24.92
C CYS A 40 -9.10 -9.93 24.13
N ALA A 41 -8.96 -11.26 24.18
CA ALA A 41 -7.97 -12.00 23.36
C ALA A 41 -8.77 -12.42 22.14
N VAL A 42 -8.30 -12.13 20.94
CA VAL A 42 -9.13 -12.37 19.73
C VAL A 42 -8.45 -13.34 18.76
N SER A 43 -9.25 -14.21 18.16
CA SER A 43 -8.81 -15.16 17.11
C SER A 43 -9.61 -14.83 15.86
N VAL A 44 -8.97 -14.69 14.71
CA VAL A 44 -9.82 -14.44 13.52
C VAL A 44 -9.86 -15.76 12.76
N ILE A 45 -11.05 -16.26 12.45
CA ILE A 45 -11.17 -17.53 11.69
C ILE A 45 -11.36 -17.17 10.24
N SER A 46 -10.55 -17.74 9.35
CA SER A 46 -10.65 -17.44 7.90
C SER A 46 -10.88 -18.75 7.15
N ALA A 47 -11.77 -18.77 6.15
CA ALA A 47 -11.98 -19.97 5.34
C ALA A 47 -11.10 -19.86 4.10
N HIS A 48 -10.34 -20.91 3.76
CA HIS A 48 -9.39 -20.82 2.62
C HIS A 48 -9.63 -21.92 1.59
N PRO A 49 -9.33 -21.70 0.29
CA PRO A 49 -8.77 -20.44 -0.20
C PRO A 49 -9.82 -19.34 -0.39
N THR A 50 -9.36 -18.11 -0.25
CA THR A 50 -10.23 -16.91 -0.41
C THR A 50 -10.58 -16.75 -1.88
N ILE A 51 -11.82 -16.38 -2.16
CA ILE A 51 -12.28 -16.13 -3.55
C ILE A 51 -11.47 -15.03 -4.21
N SER A 52 -11.14 -13.98 -3.47
CA SER A 52 -10.42 -12.86 -4.09
C SER A 52 -9.03 -12.68 -3.48
N ASP A 53 -8.13 -12.02 -4.19
CA ASP A 53 -6.79 -11.72 -3.65
C ASP A 53 -6.93 -10.73 -2.49
N ALA A 54 -7.86 -9.80 -2.62
CA ALA A 54 -8.05 -8.72 -1.64
C ALA A 54 -8.39 -9.25 -0.25
N GLU A 55 -9.29 -10.22 -0.11
CA GLU A 55 -9.57 -10.66 1.28
C GLU A 55 -8.33 -11.33 1.84
N SER A 56 -7.66 -12.13 1.03
CA SER A 56 -6.44 -12.85 1.42
C SER A 56 -5.33 -11.85 1.75
N ARG A 57 -5.18 -10.82 0.93
CA ARG A 57 -4.16 -9.76 1.11
C ARG A 57 -4.44 -8.94 2.37
N SER A 58 -5.70 -8.63 2.62
CA SER A 58 -6.15 -7.87 3.82
C SER A 58 -5.93 -8.71 5.06
N LEU A 59 -6.17 -10.02 4.98
CA LEU A 59 -5.95 -10.92 6.12
C LEU A 59 -4.47 -10.97 6.45
N SER A 60 -3.61 -11.08 5.45
CA SER A 60 -2.16 -11.07 5.71
C SER A 60 -1.77 -9.73 6.34
N SER A 61 -2.31 -8.65 5.79
CA SER A 61 -2.01 -7.26 6.23
C SER A 61 -2.45 -7.07 7.67
N PHE A 62 -3.60 -7.61 8.02
CA PHE A 62 -4.16 -7.46 9.38
C PHE A 62 -3.28 -8.13 10.43
N PHE A 63 -2.84 -9.34 10.14
CA PHE A 63 -2.05 -10.14 11.11
C PHE A 63 -0.71 -9.48 11.41
N SER A 64 -0.08 -8.90 10.39
CA SER A 64 1.20 -8.18 10.58
C SER A 64 0.97 -6.94 11.46
N LEU A 65 -0.13 -6.24 11.24
CA LEU A 65 -0.50 -5.03 12.02
C LEU A 65 -0.90 -5.38 13.45
N TYR A 66 -1.49 -6.55 13.65
CA TYR A 66 -1.95 -6.96 14.99
C TYR A 66 -1.34 -8.31 15.30
N PRO A 67 -0.10 -8.35 15.84
CA PRO A 67 0.59 -9.60 16.12
C PRO A 67 -0.12 -10.41 17.20
N GLN A 68 -0.69 -9.70 18.16
CA GLN A 68 -1.40 -10.28 19.34
C GLN A 68 -2.64 -11.07 18.92
N ILE A 69 -3.37 -10.63 17.90
CA ILE A 69 -4.56 -11.35 17.40
C ILE A 69 -4.10 -12.62 16.67
N ARG A 70 -4.75 -13.74 16.94
CA ARG A 70 -4.36 -15.07 16.41
C ARG A 70 -5.13 -15.43 15.13
N SER A 71 -4.44 -16.07 14.19
CA SER A 71 -5.06 -16.49 12.91
C SER A 71 -5.47 -17.95 12.98
N LEU A 72 -6.76 -18.22 12.79
CA LEU A 72 -7.30 -19.60 12.75
C LEU A 72 -7.74 -19.80 11.32
N GLU A 73 -7.29 -20.87 10.66
CA GLU A 73 -7.64 -21.02 9.23
C GLU A 73 -8.30 -22.36 8.97
N ILE A 74 -9.34 -22.38 8.14
CA ILE A 74 -9.97 -23.65 7.69
C ILE A 74 -9.62 -23.79 6.22
N GLN A 75 -9.13 -24.96 5.80
CA GLN A 75 -8.91 -25.18 4.36
C GLN A 75 -10.18 -25.85 3.86
N LEU A 76 -10.85 -25.23 2.89
CA LEU A 76 -12.13 -25.76 2.40
C LEU A 76 -11.94 -26.99 1.54
N LEU A 77 -12.73 -28.02 1.82
CA LEU A 77 -12.78 -29.27 1.04
C LEU A 77 -13.60 -28.98 -0.21
N PRO A 78 -13.29 -29.55 -1.37
CA PRO A 78 -14.07 -29.31 -2.59
C PRO A 78 -15.40 -30.08 -2.55
N ASP A 89 -21.95 -14.49 -7.75
CA ASP A 89 -22.26 -15.94 -7.85
C ASP A 89 -21.16 -16.71 -7.13
N PRO A 90 -19.90 -16.24 -7.15
CA PRO A 90 -18.79 -16.93 -6.51
C PRO A 90 -18.82 -16.80 -4.98
N PHE A 91 -19.24 -15.64 -4.50
CA PHE A 91 -19.33 -15.40 -3.04
C PHE A 91 -20.42 -16.30 -2.46
N PHE A 92 -21.54 -16.45 -3.14
CA PHE A 92 -22.61 -17.38 -2.68
C PHE A 92 -22.07 -18.80 -2.67
N ILE A 93 -21.31 -19.19 -3.69
CA ILE A 93 -20.73 -20.57 -3.78
C ILE A 93 -19.77 -20.79 -2.61
N GLN A 94 -19.00 -19.77 -2.28
CA GLN A 94 -18.07 -19.81 -1.13
C GLN A 94 -18.86 -19.95 0.16
N ARG A 95 -20.00 -19.30 0.26
CA ARG A 95 -20.82 -19.42 1.49
C ARG A 95 -21.24 -20.88 1.64
N GLU A 96 -21.66 -21.52 0.55
CA GLU A 96 -22.04 -22.94 0.54
C GLU A 96 -20.81 -23.80 0.83
N SER A 97 -19.64 -23.42 0.34
CA SER A 97 -18.42 -24.22 0.61
C SER A 97 -18.18 -24.24 2.12
N ILE A 98 -18.32 -23.10 2.78
CA ILE A 98 -18.14 -23.01 4.26
C ILE A 98 -19.23 -23.82 4.97
N GLY A 99 -20.45 -23.75 4.48
CA GLY A 99 -21.53 -24.52 5.11
C GLY A 99 -21.24 -26.01 5.05
N ASN A 100 -20.74 -26.48 3.90
CA ASN A 100 -20.39 -27.91 3.73
C ASN A 100 -19.22 -28.31 4.62
N SER A 101 -18.24 -27.42 4.78
CA SER A 101 -16.99 -27.67 5.54
C SER A 101 -17.04 -27.10 6.96
N ILE A 102 -18.23 -26.76 7.47
CA ILE A 102 -18.42 -26.14 8.82
C ILE A 102 -17.98 -27.06 9.96
N HIS A 103 -17.97 -28.38 9.77
CA HIS A 103 -17.55 -29.40 10.77
C HIS A 103 -16.07 -29.26 11.11
N LEU A 104 -15.24 -28.71 10.22
CA LEU A 104 -13.79 -28.49 10.39
C LEU A 104 -13.49 -27.53 11.53
N LEU A 105 -14.42 -26.62 11.85
CA LEU A 105 -14.41 -25.67 12.98
C LEU A 105 -14.38 -26.42 14.31
N ARG A 106 -15.01 -27.59 14.40
CA ARG A 106 -15.14 -28.31 15.69
C ARG A 106 -13.79 -28.69 16.31
N PRO A 107 -12.85 -29.31 15.60
CA PRO A 107 -11.54 -29.62 16.17
C PRO A 107 -10.77 -28.35 16.56
N LEU A 108 -10.92 -27.30 15.76
CA LEU A 108 -10.29 -25.98 15.96
C LEU A 108 -10.79 -25.32 17.24
N LEU A 109 -12.10 -25.32 17.48
CA LEU A 109 -12.63 -24.65 18.70
C LEU A 109 -12.18 -25.37 19.97
N ALA A 110 -12.11 -26.70 19.92
CA ALA A 110 -11.76 -27.52 21.09
C ALA A 110 -10.29 -27.35 21.44
N SER A 111 -9.48 -27.00 20.45
CA SER A 111 -8.02 -26.89 20.64
C SER A 111 -7.59 -25.60 21.31
N LEU A 112 -8.40 -24.55 21.23
CA LEU A 112 -8.00 -23.21 21.74
C LEU A 112 -7.51 -23.27 23.18
N SER A 113 -6.27 -22.82 23.38
CA SER A 113 -5.51 -22.77 24.67
C SER A 113 -6.41 -22.31 25.80
N PRO A 114 -6.94 -21.08 25.78
CA PRO A 114 -7.93 -20.62 26.71
C PRO A 114 -9.21 -20.70 25.88
N PRO A 115 -10.26 -21.41 26.30
CA PRO A 115 -11.48 -21.50 25.52
C PRO A 115 -12.17 -20.16 25.29
N LEU A 116 -12.88 -20.03 24.18
CA LEU A 116 -13.58 -18.77 23.89
C LEU A 116 -14.79 -18.65 24.80
N SER A 117 -15.07 -17.45 25.29
CA SER A 117 -16.33 -17.23 26.03
C SER A 117 -17.38 -16.70 25.04
N ALA A 118 -16.95 -16.33 23.84
CA ALA A 118 -17.88 -15.85 22.81
C ALA A 118 -17.28 -16.07 21.43
N ILE A 119 -18.13 -16.16 20.42
CA ILE A 119 -17.69 -16.27 19.01
C ILE A 119 -18.65 -15.40 18.21
N PHE A 120 -18.13 -14.69 17.21
CA PHE A 120 -18.99 -13.86 16.34
C PHE A 120 -18.94 -14.52 14.97
N VAL A 121 -20.08 -14.99 14.47
CA VAL A 121 -20.07 -15.71 13.17
C VAL A 121 -20.98 -14.96 12.20
N ASP A 122 -20.67 -15.02 10.91
CA ASP A 122 -21.42 -14.27 9.86
C ASP A 122 -22.85 -14.75 9.83
N PHE A 123 -23.76 -13.86 9.48
CA PHE A 123 -25.20 -14.20 9.47
C PHE A 123 -25.47 -15.35 8.54
N PRO A 124 -24.89 -15.45 7.32
CA PRO A 124 -25.19 -16.55 6.44
C PRO A 124 -24.91 -17.96 6.97
N VAL A 125 -23.94 -18.15 7.86
CA VAL A 125 -23.59 -19.52 8.36
C VAL A 125 -24.14 -19.80 9.75
N LEU A 126 -25.04 -18.98 10.27
CA LEU A 126 -25.59 -19.18 11.64
C LEU A 126 -26.34 -20.49 11.74
N THR A 127 -27.14 -20.82 10.75
CA THR A 127 -27.92 -22.08 10.80
C THR A 127 -26.96 -23.27 10.79
N GLU A 128 -26.05 -23.30 9.83
CA GLU A 128 -25.06 -24.40 9.73
C GLU A 128 -24.22 -24.50 11.02
N PHE A 129 -23.85 -23.38 11.63
CA PHE A 129 -22.99 -23.36 12.85
C PHE A 129 -23.80 -23.59 14.11
N SER A 130 -25.12 -23.67 14.00
CA SER A 130 -26.01 -23.79 15.17
C SER A 130 -25.70 -25.04 15.99
N PRO A 131 -25.45 -26.22 15.39
CA PRO A 131 -25.11 -27.40 16.15
C PRO A 131 -23.81 -27.24 16.94
N ILE A 132 -22.79 -26.63 16.32
CA ILE A 132 -21.47 -26.45 16.98
C ILE A 132 -21.67 -25.58 18.22
N ALA A 133 -22.46 -24.52 18.10
CA ALA A 133 -22.69 -23.66 19.27
C ALA A 133 -23.35 -24.46 20.39
N ALA A 134 -24.32 -25.31 20.05
CA ALA A 134 -25.04 -26.15 21.02
C ALA A 134 -24.14 -27.21 21.67
N ASP A 135 -23.35 -27.92 20.88
CA ASP A 135 -22.53 -29.01 21.45
C ASP A 135 -21.51 -28.46 22.43
N PHE A 136 -20.89 -27.34 22.09
CA PHE A 136 -19.83 -26.74 22.93
C PHE A 136 -20.43 -25.84 24.00
N SER A 137 -21.73 -25.55 23.89
CA SER A 137 -22.42 -24.63 24.84
C SER A 137 -21.69 -23.28 24.87
N LEU A 138 -21.33 -22.77 23.70
CA LEU A 138 -20.53 -21.54 23.52
C LEU A 138 -21.45 -20.38 23.16
N PRO A 139 -21.48 -19.29 23.92
CA PRO A 139 -22.32 -18.16 23.60
C PRO A 139 -21.91 -17.62 22.22
N THR A 140 -22.88 -17.42 21.35
CA THR A 140 -22.57 -16.94 20.00
C THR A 140 -23.42 -15.73 19.65
N TYR A 141 -22.76 -14.72 19.09
CA TYR A 141 -23.38 -13.45 18.62
C TYR A 141 -23.15 -13.34 17.11
N THR A 142 -23.59 -12.23 16.53
CA THR A 142 -23.42 -12.03 15.08
C THR A 142 -23.24 -10.53 14.82
N LEU A 143 -22.44 -10.19 13.82
CA LEU A 143 -22.25 -8.78 13.41
C LEU A 143 -22.96 -8.62 12.08
N ILE A 144 -23.94 -7.72 12.00
CA ILE A 144 -24.69 -7.46 10.74
C ILE A 144 -23.95 -6.35 10.01
N VAL A 145 -23.68 -6.57 8.73
CA VAL A 145 -22.87 -5.64 7.91
C VAL A 145 -23.76 -4.72 7.08
N THR A 146 -25.07 -4.84 7.21
CA THR A 146 -26.02 -4.03 6.41
C THR A 146 -26.78 -3.08 7.33
N SER A 147 -27.61 -2.22 6.76
CA SER A 147 -28.37 -1.21 7.53
C SER A 147 -29.47 -1.85 8.38
N ALA A 148 -29.90 -1.15 9.42
CA ALA A 148 -30.98 -1.64 10.28
C ALA A 148 -32.27 -1.76 9.45
N ARG A 149 -32.52 -0.80 8.57
CA ARG A 149 -33.71 -0.80 7.70
C ARG A 149 -33.70 -1.98 6.74
N PHE A 150 -32.57 -2.28 6.10
CA PHE A 150 -32.57 -3.46 5.20
C PHE A 150 -32.72 -4.72 6.04
N PHE A 151 -32.03 -4.76 7.17
CA PHE A 151 -32.08 -5.90 8.12
C PHE A 151 -33.50 -6.07 8.66
N SER A 152 -34.20 -4.96 8.88
CA SER A 152 -35.62 -4.99 9.32
C SER A 152 -36.44 -5.76 8.29
N LEU A 153 -36.23 -5.49 7.02
CA LEU A 153 -36.93 -6.19 5.91
C LEU A 153 -36.54 -7.66 5.87
N MET A 154 -35.27 -7.96 6.13
CA MET A 154 -34.80 -9.36 6.11
C MET A 154 -35.50 -10.18 7.19
N ALA A 155 -35.65 -9.62 8.38
CA ALA A 155 -36.29 -10.31 9.52
C ALA A 155 -37.77 -10.60 9.24
N HIS A 156 -38.43 -9.66 8.58
CA HIS A 156 -39.89 -9.79 8.27
C HIS A 156 -40.13 -10.62 7.02
N LEU A 157 -39.09 -11.04 6.31
CA LEU A 157 -39.25 -11.74 5.02
C LEU A 157 -40.04 -13.03 5.17
N PRO A 158 -39.80 -13.87 6.19
CA PRO A 158 -40.55 -15.12 6.30
C PRO A 158 -42.05 -14.81 6.47
N ARG A 159 -42.40 -13.86 7.33
CA ARG A 159 -43.81 -13.46 7.53
C ARG A 159 -44.33 -12.80 6.25
N LEU A 160 -43.47 -12.02 5.60
CA LEU A 160 -43.82 -11.35 4.33
C LEU A 160 -44.10 -12.40 3.26
N LEU A 161 -43.30 -13.47 3.21
CA LEU A 161 -43.49 -14.47 2.13
C LEU A 161 -44.70 -15.37 2.41
N GLU A 162 -45.26 -15.29 3.61
CA GLU A 162 -46.48 -16.07 3.94
C GLU A 162 -47.63 -15.54 3.08
N GLN A 163 -47.69 -14.22 2.91
CA GLN A 163 -48.74 -13.52 2.13
C GLN A 163 -48.28 -13.32 0.68
N GLU A 164 -49.18 -13.63 -0.26
CA GLU A 164 -48.98 -13.62 -1.73
C GLU A 164 -48.87 -12.19 -2.29
N ASP A 165 -49.14 -11.20 -1.43
CA ASP A 165 -49.24 -9.73 -1.70
C ASP A 165 -47.96 -9.03 -2.19
N ASP A 166 -46.79 -9.70 -2.15
CA ASP A 166 -45.51 -9.13 -2.66
C ASP A 166 -45.12 -9.72 -4.02
N ILE A 167 -45.93 -10.64 -4.56
CA ILE A 167 -45.62 -11.34 -5.84
C ILE A 167 -45.59 -10.41 -7.07
N SER A 168 -46.63 -9.59 -7.25
CA SER A 168 -46.73 -8.75 -8.47
C SER A 168 -47.26 -7.35 -8.14
N LYS A 169 -48.52 -7.28 -7.70
CA LYS A 169 -49.19 -5.98 -7.43
C LYS A 169 -48.78 -5.45 -6.05
N LYS A 170 -47.53 -5.05 -5.92
CA LYS A 170 -47.05 -4.48 -4.65
C LYS A 170 -46.21 -3.26 -5.02
N SER A 171 -46.57 -2.09 -4.50
CA SER A 171 -45.76 -0.89 -4.76
C SER A 171 -44.77 -0.77 -3.62
N GLU A 172 -45.21 -1.18 -2.44
CA GLU A 172 -44.40 -1.11 -1.20
C GLU A 172 -44.70 -2.33 -0.33
N VAL A 173 -43.76 -2.68 0.54
CA VAL A 173 -43.92 -3.79 1.51
C VAL A 173 -43.92 -3.11 2.87
N CYS A 174 -44.89 -3.41 3.73
CA CYS A 174 -44.91 -2.68 5.00
C CYS A 174 -44.34 -3.52 6.14
N VAL A 175 -43.10 -3.25 6.54
CA VAL A 175 -42.48 -3.95 7.68
C VAL A 175 -43.05 -3.30 8.93
N PRO A 176 -43.60 -4.02 9.92
CA PRO A 176 -44.17 -3.36 11.10
C PRO A 176 -43.21 -2.43 11.84
N HIS A 177 -43.72 -1.30 12.35
CA HIS A 177 -42.97 -0.31 13.17
C HIS A 177 -42.03 0.61 12.38
N LEU A 178 -41.92 0.43 11.08
CA LEU A 178 -41.18 1.40 10.22
C LEU A 178 -41.99 1.70 8.97
N ASP A 179 -41.68 2.79 8.28
CA ASP A 179 -42.44 3.23 7.11
C ASP A 179 -42.18 2.26 5.96
N PRO A 180 -43.07 2.19 4.97
CA PRO A 180 -42.94 1.22 3.91
C PRO A 180 -41.66 1.30 3.08
N ILE A 181 -41.23 0.14 2.62
CA ILE A 181 -40.07 -0.02 1.72
C ILE A 181 -40.68 -0.21 0.33
N GLN A 182 -40.34 0.66 -0.60
CA GLN A 182 -40.89 0.49 -1.97
C GLN A 182 -40.28 -0.78 -2.54
N VAL A 183 -41.06 -1.50 -3.34
CA VAL A 183 -40.65 -2.79 -3.98
C VAL A 183 -39.53 -2.57 -5.00
N SER A 184 -39.38 -1.38 -5.55
CA SER A 184 -38.31 -0.97 -6.48
C SER A 184 -36.95 -1.02 -5.81
N SER A 185 -36.86 -0.85 -4.49
CA SER A 185 -35.60 -0.91 -3.72
C SER A 185 -35.33 -2.30 -3.17
N ILE A 186 -36.21 -3.25 -3.40
CA ILE A 186 -35.98 -4.61 -2.87
C ILE A 186 -35.44 -5.44 -4.01
N PRO A 187 -34.33 -6.18 -3.84
CA PRO A 187 -33.78 -7.00 -4.91
C PRO A 187 -34.83 -8.05 -5.31
N PRO A 188 -35.03 -8.33 -6.60
CA PRO A 188 -36.04 -9.28 -7.06
C PRO A 188 -35.90 -10.69 -6.49
N GLN A 189 -34.67 -11.17 -6.31
CA GLN A 189 -34.37 -12.53 -5.78
C GLN A 189 -34.95 -12.72 -4.38
N MET A 190 -34.98 -11.68 -3.57
CA MET A 190 -35.56 -11.64 -2.20
C MET A 190 -37.05 -11.94 -2.24
N LEU A 191 -37.75 -11.54 -3.30
CA LEU A 191 -39.21 -11.75 -3.35
C LEU A 191 -39.63 -13.09 -3.98
N ASP A 192 -38.69 -13.86 -4.53
CA ASP A 192 -39.07 -15.16 -5.14
C ASP A 192 -38.75 -16.28 -4.15
N ARG A 193 -39.77 -17.01 -3.69
CA ARG A 193 -39.67 -18.09 -2.68
C ARG A 193 -38.80 -19.24 -3.21
N ARG A 194 -38.88 -19.50 -4.50
CA ARG A 194 -38.12 -20.57 -5.20
C ARG A 194 -36.61 -20.28 -5.10
N HIS A 195 -36.23 -19.01 -5.14
CA HIS A 195 -34.81 -18.58 -5.13
C HIS A 195 -34.09 -18.99 -3.85
N PHE A 196 -32.81 -19.35 -3.97
CA PHE A 196 -31.93 -19.77 -2.84
C PHE A 196 -31.65 -18.61 -1.88
N PHE A 197 -31.64 -17.38 -2.38
CA PHE A 197 -31.35 -16.18 -1.54
C PHE A 197 -32.39 -16.08 -0.43
N VAL A 198 -33.65 -16.36 -0.73
CA VAL A 198 -34.73 -16.35 0.30
C VAL A 198 -34.42 -17.42 1.35
N GLU A 199 -34.00 -18.60 0.91
CA GLU A 199 -33.74 -19.76 1.79
C GLU A 199 -32.61 -19.41 2.76
N THR A 200 -31.58 -18.74 2.25
CA THR A 200 -30.42 -18.31 3.07
C THR A 200 -30.86 -17.32 4.14
N ILE A 201 -31.65 -16.33 3.77
CA ILE A 201 -32.15 -15.32 4.73
C ILE A 201 -33.14 -15.95 5.71
N THR A 202 -34.06 -16.76 5.21
CA THR A 202 -35.14 -17.33 6.05
C THR A 202 -34.58 -18.26 7.12
N SER A 203 -33.53 -19.01 6.82
CA SER A 203 -32.93 -19.96 7.80
C SER A 203 -32.14 -19.21 8.86
N ASN A 204 -31.27 -18.30 8.44
CA ASN A 204 -30.44 -17.52 9.39
C ASN A 204 -31.28 -16.63 10.31
N VAL A 205 -32.38 -16.09 9.79
CA VAL A 205 -33.28 -15.24 10.61
C VAL A 205 -33.88 -16.06 11.75
N ALA A 206 -34.22 -17.32 11.50
CA ALA A 206 -34.76 -18.19 12.55
C ALA A 206 -33.64 -18.47 13.54
N SER A 207 -32.43 -18.61 13.04
CA SER A 207 -31.20 -18.93 13.83
C SER A 207 -30.76 -17.79 14.76
N LEU A 208 -31.40 -16.63 14.69
CA LEU A 208 -31.10 -15.49 15.59
C LEU A 208 -31.56 -15.81 17.02
N SER A 209 -32.51 -16.72 17.23
CA SER A 209 -33.05 -17.10 18.55
C SER A 209 -31.96 -17.62 19.49
N TYR A 210 -30.99 -18.36 18.98
CA TYR A 210 -29.94 -18.93 19.87
C TYR A 210 -28.80 -17.95 20.13
N LEU A 211 -28.82 -16.80 19.46
CA LEU A 211 -27.72 -15.83 19.66
C LEU A 211 -27.84 -15.05 20.96
N LYS A 212 -26.72 -14.79 21.62
CA LYS A 212 -26.72 -13.97 22.85
C LYS A 212 -27.07 -12.53 22.49
N GLY A 213 -26.63 -12.08 21.32
CA GLY A 213 -26.96 -10.73 20.83
C GLY A 213 -26.76 -10.65 19.35
N VAL A 214 -27.31 -9.63 18.70
CA VAL A 214 -27.05 -9.45 17.25
C VAL A 214 -26.49 -8.04 17.06
N LEU A 215 -25.19 -7.95 16.77
CA LEU A 215 -24.51 -6.64 16.65
C LEU A 215 -24.75 -6.11 15.25
N ILE A 216 -25.06 -4.83 15.16
CA ILE A 216 -25.31 -4.19 13.85
C ILE A 216 -24.44 -2.94 13.78
N ASN A 217 -23.83 -2.70 12.63
CA ASN A 217 -22.92 -1.54 12.44
C ASN A 217 -23.70 -0.28 12.08
N THR A 218 -24.54 0.18 12.99
CA THR A 218 -25.32 1.43 12.86
C THR A 218 -25.55 1.99 14.25
N PHE A 219 -25.95 3.24 14.35
CA PHE A 219 -26.22 3.77 15.69
C PHE A 219 -27.67 4.23 15.77
N THR A 220 -28.21 4.44 16.96
CA THR A 220 -29.65 4.78 17.15
C THR A 220 -30.13 6.09 16.50
N TRP A 221 -29.45 7.21 16.70
CA TRP A 221 -29.78 8.53 16.11
C TRP A 221 -29.61 8.42 14.59
N LEU A 222 -28.70 7.57 14.11
CA LEU A 222 -28.73 7.44 12.63
C LEU A 222 -29.98 6.68 12.17
N GLU A 223 -30.33 5.60 12.84
CA GLU A 223 -31.51 4.81 12.43
C GLU A 223 -32.38 4.50 13.64
N PRO A 224 -33.08 5.49 14.22
CA PRO A 224 -33.92 5.26 15.38
C PRO A 224 -35.16 4.39 15.14
N GLU A 225 -35.92 4.66 14.09
CA GLU A 225 -37.13 3.83 13.87
C GLU A 225 -36.75 2.40 13.58
N ALA A 226 -35.75 2.18 12.74
CA ALA A 226 -35.29 0.83 12.35
C ALA A 226 -34.72 0.05 13.54
N VAL A 227 -33.92 0.68 14.38
CA VAL A 227 -33.33 -0.05 15.53
C VAL A 227 -34.48 -0.49 16.45
N GLU A 228 -35.43 0.41 16.68
CA GLU A 228 -36.62 0.16 17.52
C GLU A 228 -37.58 -0.81 16.84
N ALA A 229 -37.67 -0.78 15.52
CA ALA A 229 -38.53 -1.72 14.75
C ALA A 229 -38.02 -3.15 14.93
N LEU A 230 -36.71 -3.35 14.93
CA LEU A 230 -36.14 -4.70 15.09
C LEU A 230 -36.48 -5.25 16.47
N LYS A 231 -36.40 -4.41 17.49
CA LYS A 231 -36.67 -4.80 18.89
C LYS A 231 -38.14 -5.22 19.01
N ARG A 232 -39.02 -4.46 18.38
CA ARG A 232 -40.47 -4.73 18.42
C ARG A 232 -40.88 -5.91 17.55
N ASN A 233 -40.05 -6.28 16.58
CA ASN A 233 -40.43 -7.33 15.61
C ASN A 233 -39.72 -8.67 15.85
N GLY A 234 -39.16 -8.90 17.03
CA GLY A 234 -38.53 -10.20 17.25
C GLY A 234 -37.01 -10.14 17.36
N VAL A 235 -36.41 -8.97 17.41
CA VAL A 235 -34.93 -8.91 17.55
C VAL A 235 -34.58 -7.98 18.72
N ASP A 236 -34.92 -8.35 19.96
CA ASP A 236 -34.69 -7.44 21.11
C ASP A 236 -33.24 -7.46 21.59
N HIS A 237 -32.45 -8.45 21.16
CA HIS A 237 -31.01 -8.49 21.47
C HIS A 237 -30.19 -7.75 20.41
N ILE A 238 -30.82 -6.94 19.58
CA ILE A 238 -30.10 -6.09 18.60
C ILE A 238 -29.21 -5.15 19.39
N LEU A 239 -27.96 -4.96 18.97
CA LEU A 239 -27.08 -4.00 19.67
C LEU A 239 -26.49 -3.02 18.67
N PRO A 240 -26.88 -1.73 18.64
CA PRO A 240 -26.30 -0.79 17.69
C PRO A 240 -24.93 -0.36 18.21
N ILE A 241 -23.93 -1.05 17.68
CA ILE A 241 -22.49 -1.02 18.05
C ILE A 241 -21.71 -0.12 17.08
N GLY A 242 -22.38 0.43 16.07
CA GLY A 242 -21.74 1.26 15.05
C GLY A 242 -21.43 2.67 15.50
N PRO A 243 -20.53 3.40 14.83
CA PRO A 243 -19.76 2.89 13.69
C PRO A 243 -18.56 2.07 14.13
N LEU A 244 -18.10 1.13 13.32
CA LEU A 244 -16.92 0.32 13.68
C LEU A 244 -15.68 1.18 13.51
N GLU A 245 -14.67 0.98 14.35
CA GLU A 245 -13.43 1.78 14.28
C GLU A 245 -12.54 1.30 13.13
N ALA A 246 -11.68 2.17 12.65
CA ALA A 246 -10.75 1.93 11.53
C ALA A 246 -9.72 0.87 11.92
N ILE A 247 -9.36 0.03 10.98
CA ILE A 247 -8.20 -0.85 11.23
C ILE A 247 -7.02 0.10 11.14
N LYS A 248 -6.03 -0.01 12.03
CA LYS A 248 -4.87 0.93 11.97
C LYS A 248 -3.92 0.60 10.82
N ALA A 249 -3.06 1.56 10.45
CA ALA A 249 -2.04 1.28 9.40
C ALA A 249 -0.75 2.03 9.77
N GLU A 250 0.41 1.51 9.36
CA GLU A 250 1.64 2.28 9.65
C GLU A 250 1.54 3.52 8.76
N GLU A 251 1.86 4.71 9.29
CA GLU A 251 1.66 5.94 8.48
C GLU A 251 2.57 5.92 7.25
N SER A 252 2.02 6.30 6.10
CA SER A 252 2.73 6.36 4.79
C SER A 252 1.88 7.11 3.77
N ASP A 255 -2.74 7.71 -2.77
CA ASP A 255 -1.48 8.40 -2.94
C ASP A 255 -1.55 9.67 -2.16
N LEU A 256 -0.76 9.79 -1.11
CA LEU A 256 -0.84 10.96 -0.26
C LEU A 256 -0.46 12.23 -1.01
N PRO A 257 0.57 12.14 -1.83
CA PRO A 257 1.13 13.36 -2.41
C PRO A 257 0.19 14.14 -3.32
N TRP A 258 -0.46 13.49 -4.27
CA TRP A 258 -1.40 14.19 -5.09
C TRP A 258 -2.55 14.69 -4.23
N LEU A 259 -2.99 13.87 -3.28
CA LEU A 259 -4.01 14.27 -2.33
C LEU A 259 -3.55 15.41 -1.43
N GLU A 260 -2.31 15.33 -0.99
CA GLU A 260 -1.70 16.31 -0.11
C GLU A 260 -1.58 17.67 -0.76
N GLU A 261 -1.45 17.66 -2.07
CA GLU A 261 -1.24 18.86 -2.87
C GLU A 261 -2.52 19.56 -3.21
N GLN A 262 -3.64 19.02 -2.75
CA GLN A 262 -4.95 19.58 -3.12
C GLN A 262 -5.46 20.43 -1.99
N ALA A 263 -6.27 21.43 -2.32
CA ALA A 263 -6.88 22.33 -1.32
C ALA A 263 -7.91 21.53 -0.54
N PRO A 264 -8.21 21.81 0.74
CA PRO A 264 -9.21 21.03 1.43
C PRO A 264 -10.61 21.14 0.79
N LYS A 265 -11.39 20.06 0.90
CA LYS A 265 -12.77 19.90 0.48
C LYS A 265 -12.97 20.02 -1.01
N SER A 266 -11.90 19.84 -1.77
CA SER A 266 -11.95 20.06 -3.20
C SER A 266 -11.99 18.80 -4.03
N VAL A 267 -11.78 17.67 -3.40
CA VAL A 267 -11.62 16.42 -4.12
C VAL A 267 -12.79 15.52 -3.86
N LEU A 268 -13.29 14.94 -4.94
CA LEU A 268 -14.40 14.04 -4.87
C LEU A 268 -13.87 12.64 -5.00
N PHE A 269 -14.24 11.81 -4.04
CA PHE A 269 -13.80 10.44 -4.03
C PHE A 269 -14.90 9.58 -4.60
N ILE A 270 -14.56 8.70 -5.52
CA ILE A 270 -15.54 7.82 -6.09
C ILE A 270 -15.12 6.39 -5.89
N SER A 271 -16.01 5.58 -5.35
CA SER A 271 -15.88 4.14 -5.39
C SER A 271 -17.24 3.52 -5.58
N PHE A 272 -17.32 2.52 -6.43
CA PHE A 272 -18.56 1.81 -6.65
C PHE A 272 -18.59 0.51 -5.90
N GLY A 273 -17.57 0.26 -5.08
CA GLY A 273 -17.59 -0.87 -4.19
C GLY A 273 -16.29 -1.62 -4.16
N SER A 274 -16.30 -2.82 -3.61
CA SER A 274 -15.16 -3.71 -3.67
C SER A 274 -15.19 -4.49 -4.96
N ARG A 275 -16.27 -4.33 -5.71
CA ARG A 275 -16.42 -4.95 -7.00
C ARG A 275 -16.94 -3.93 -7.98
N GLY A 276 -16.75 -4.18 -9.27
CA GLY A 276 -17.25 -3.29 -10.30
C GLY A 276 -18.76 -3.28 -10.35
N ALA A 277 -19.33 -2.13 -10.65
CA ALA A 277 -20.78 -2.02 -10.72
C ALA A 277 -21.38 -1.97 -12.12
N HIS A 278 -20.76 -1.21 -13.01
CA HIS A 278 -21.45 -0.72 -14.19
C HIS A 278 -20.82 -1.10 -15.51
N THR A 279 -21.61 -0.91 -16.55
CA THR A 279 -21.21 -1.04 -17.93
C THR A 279 -20.24 0.07 -18.32
N LYS A 280 -19.38 -0.20 -19.29
CA LYS A 280 -18.39 0.78 -19.73
C LYS A 280 -19.04 2.03 -20.26
N GLU A 281 -20.11 1.86 -21.01
CA GLU A 281 -20.79 2.99 -21.59
C GLU A 281 -21.36 3.90 -20.52
N GLN A 282 -21.91 3.30 -19.48
CA GLN A 282 -22.42 4.03 -18.32
C GLN A 282 -21.31 4.74 -17.57
N LEU A 283 -20.18 4.06 -17.38
CA LEU A 283 -19.06 4.64 -16.67
C LEU A 283 -18.50 5.84 -17.40
N ARG A 284 -18.45 5.72 -18.71
CA ARG A 284 -18.04 6.81 -19.57
C ARG A 284 -18.99 7.98 -19.52
N GLU A 285 -20.26 7.68 -19.28
CA GLU A 285 -21.33 8.69 -19.17
C GLU A 285 -21.10 9.44 -17.88
N PHE A 286 -20.73 8.71 -16.83
CA PHE A 286 -20.43 9.31 -15.55
C PHE A 286 -19.18 10.16 -15.66
N ALA A 287 -18.18 9.65 -16.37
CA ALA A 287 -16.90 10.31 -16.47
C ALA A 287 -16.99 11.67 -17.14
N ALA A 288 -17.81 11.77 -18.17
CA ALA A 288 -18.07 13.02 -18.85
C ALA A 288 -18.71 13.99 -17.89
N ALA A 289 -19.54 13.45 -17.02
CA ALA A 289 -20.23 14.18 -16.00
C ALA A 289 -19.25 14.78 -15.01
N LEU A 290 -18.19 14.05 -14.69
CA LEU A 290 -17.17 14.54 -13.79
C LEU A 290 -16.52 15.78 -14.35
N GLU A 291 -16.23 15.74 -15.64
CA GLU A 291 -15.60 16.85 -16.34
C GLU A 291 -16.46 18.09 -16.37
N LYS A 292 -17.73 17.90 -16.64
CA LYS A 292 -18.67 18.99 -16.69
C LYS A 292 -18.84 19.63 -15.34
N SER A 293 -18.85 18.82 -14.29
CA SER A 293 -19.00 19.29 -12.93
C SER A 293 -17.85 20.15 -12.47
N GLY A 294 -16.65 19.81 -12.89
CA GLY A 294 -15.47 20.56 -12.51
C GLY A 294 -14.85 20.11 -11.22
N TRP A 295 -15.37 19.05 -10.65
CA TRP A 295 -14.81 18.49 -9.45
C TRP A 295 -13.43 17.96 -9.76
N ARG A 296 -12.51 18.15 -8.84
CA ARG A 296 -11.28 17.41 -8.84
C ARG A 296 -11.61 16.10 -8.19
N PHE A 297 -11.07 15.02 -8.69
CA PHE A 297 -11.51 13.72 -8.25
C PHE A 297 -10.38 12.74 -7.99
N LEU A 298 -10.61 11.85 -7.04
CA LEU A 298 -9.82 10.65 -6.91
C LEU A 298 -10.81 9.50 -7.01
N TRP A 299 -10.65 8.66 -8.02
CA TRP A 299 -11.63 7.65 -8.37
C TRP A 299 -11.08 6.25 -8.31
N VAL A 300 -11.71 5.36 -7.57
CA VAL A 300 -11.19 4.01 -7.48
C VAL A 300 -12.02 3.05 -8.29
N LEU A 301 -11.42 2.46 -9.31
CA LEU A 301 -12.17 1.71 -10.29
C LEU A 301 -11.73 0.27 -10.32
N LYS A 302 -12.73 -0.58 -10.20
CA LYS A 302 -12.63 -2.03 -10.38
C LYS A 302 -13.62 -2.30 -11.49
N SER A 303 -13.12 -2.37 -12.71
CA SER A 303 -14.00 -2.65 -13.87
C SER A 303 -13.88 -4.15 -14.17
N GLY A 304 -13.51 -4.91 -13.15
CA GLY A 304 -13.26 -6.35 -13.26
C GLY A 304 -14.46 -7.14 -12.84
N LYS A 305 -15.56 -6.44 -12.65
CA LYS A 305 -16.80 -7.11 -12.20
C LYS A 305 -16.49 -7.68 -10.83
N VAL A 306 -16.85 -8.93 -10.64
CA VAL A 306 -16.74 -9.63 -9.33
C VAL A 306 -15.33 -9.99 -8.84
N ASP A 307 -14.40 -10.48 -9.66
CA ASP A 307 -13.16 -10.98 -9.01
C ASP A 307 -11.88 -10.24 -9.40
N ARG A 308 -11.10 -9.90 -8.38
CA ARG A 308 -9.76 -9.27 -8.48
C ARG A 308 -8.98 -10.06 -9.51
N GLU A 309 -8.88 -11.36 -9.26
CA GLU A 309 -8.12 -12.33 -10.09
C GLU A 309 -8.54 -12.27 -11.56
N ASP A 310 -9.83 -12.13 -11.84
CA ASP A 310 -10.27 -12.10 -13.25
C ASP A 310 -10.21 -10.69 -13.86
N LYS A 311 -9.90 -9.65 -13.07
CA LYS A 311 -9.89 -8.28 -13.66
C LYS A 311 -8.52 -7.99 -14.28
N GLU A 312 -8.44 -7.92 -15.60
CA GLU A 312 -7.14 -7.67 -16.24
C GLU A 312 -7.19 -6.38 -17.06
N GLU A 313 -8.32 -5.68 -17.02
CA GLU A 313 -8.49 -4.43 -17.81
C GLU A 313 -7.64 -3.30 -17.23
N THR A 314 -7.07 -2.47 -18.10
CA THR A 314 -6.11 -1.43 -17.62
C THR A 314 -6.53 -0.07 -18.15
N GLU A 315 -7.64 0.49 -17.64
CA GLU A 315 -8.23 1.79 -18.10
C GLU A 315 -8.62 1.74 -19.57
N ASP A 316 -9.05 0.56 -19.99
CA ASP A 316 -9.67 0.25 -21.29
C ASP A 316 -11.13 0.65 -21.13
N ILE A 317 -11.65 0.69 -19.90
CA ILE A 317 -13.02 1.06 -19.49
C ILE A 317 -13.34 2.53 -19.77
N LEU A 318 -12.42 3.45 -19.48
CA LEU A 318 -12.76 4.90 -19.60
C LEU A 318 -12.32 5.50 -20.94
N GLY A 319 -11.31 4.92 -21.56
CA GLY A 319 -10.73 5.48 -22.79
C GLY A 319 -9.55 6.38 -22.47
N SER A 320 -8.62 6.54 -23.41
CA SER A 320 -7.40 7.34 -23.19
C SER A 320 -7.66 8.84 -23.08
N SER A 321 -8.58 9.38 -23.86
CA SER A 321 -8.81 10.85 -23.89
C SER A 321 -9.25 11.40 -22.53
N PHE A 322 -10.07 10.67 -21.80
CA PHE A 322 -10.52 11.18 -20.48
C PHE A 322 -9.32 11.34 -19.56
N LEU A 323 -8.41 10.37 -19.57
CA LEU A 323 -7.20 10.43 -18.74
C LEU A 323 -6.34 11.60 -19.19
N GLU A 324 -6.25 11.83 -20.49
CA GLU A 324 -5.47 12.95 -21.04
C GLU A 324 -6.09 14.26 -20.63
N ARG A 325 -7.41 14.38 -20.72
CA ARG A 325 -8.11 15.65 -20.38
C ARG A 325 -8.09 15.97 -18.88
N THR A 326 -8.18 14.95 -18.04
CA THR A 326 -8.30 15.16 -16.58
C THR A 326 -6.99 14.88 -15.87
N LYS A 327 -5.90 14.80 -16.61
CA LYS A 327 -4.57 14.41 -16.08
C LYS A 327 -4.16 15.34 -14.94
N ASN A 328 -4.38 16.63 -15.07
CA ASN A 328 -4.00 17.54 -13.96
C ASN A 328 -4.85 17.38 -12.70
N ARG A 329 -6.18 17.31 -12.85
CA ARG A 329 -7.10 17.38 -11.69
C ARG A 329 -7.69 16.06 -11.25
N GLY A 330 -7.22 14.92 -11.74
CA GLY A 330 -7.85 13.70 -11.24
C GLY A 330 -6.92 12.54 -11.20
N VAL A 331 -7.12 11.65 -10.24
CA VAL A 331 -6.29 10.42 -10.18
C VAL A 331 -7.24 9.23 -10.23
N VAL A 332 -7.00 8.29 -11.12
CA VAL A 332 -7.86 7.10 -11.13
C VAL A 332 -7.03 5.94 -10.59
N ILE A 333 -7.40 5.41 -9.43
CA ILE A 333 -6.67 4.25 -8.86
C ILE A 333 -7.39 3.01 -9.38
N LYS A 334 -6.65 2.08 -9.98
CA LYS A 334 -7.27 0.86 -10.50
C LYS A 334 -7.03 -0.29 -9.52
N GLY A 335 -8.10 -0.86 -8.98
CA GLY A 335 -8.04 -1.97 -8.02
C GLY A 335 -8.36 -1.52 -6.62
N TRP A 336 -7.71 -2.12 -5.63
CA TRP A 336 -7.90 -1.77 -4.23
C TRP A 336 -7.23 -0.49 -3.80
N ALA A 337 -7.85 0.21 -2.87
CA ALA A 337 -7.30 1.41 -2.31
C ALA A 337 -7.66 1.42 -0.85
N ASP A 338 -6.98 2.23 -0.06
CA ASP A 338 -7.35 2.37 1.34
C ASP A 338 -8.44 3.40 1.43
N GLN A 339 -9.67 2.96 1.23
CA GLN A 339 -10.81 3.84 1.11
C GLN A 339 -11.11 4.65 2.35
N GLU A 340 -11.10 4.02 3.51
CA GLU A 340 -11.41 4.74 4.73
C GLU A 340 -10.38 5.80 5.01
N ARG A 341 -9.13 5.46 4.81
CA ARG A 341 -8.02 6.36 5.03
C ARG A 341 -8.01 7.56 4.10
N ILE A 342 -8.37 7.33 2.85
CA ILE A 342 -8.57 8.39 1.87
C ILE A 342 -9.76 9.29 2.21
N LEU A 343 -10.82 8.70 2.74
CA LEU A 343 -11.99 9.46 3.11
C LEU A 343 -11.64 10.46 4.19
N ALA A 344 -10.76 10.05 5.08
CA ALA A 344 -10.29 10.85 6.20
C ALA A 344 -9.57 12.12 5.79
N HIS A 345 -8.86 12.08 4.68
CA HIS A 345 -8.03 13.18 4.25
C HIS A 345 -8.84 14.45 4.04
N SER A 346 -8.23 15.58 4.39
CA SER A 346 -8.85 16.89 4.39
C SER A 346 -9.27 17.36 3.02
N ALA A 347 -8.57 16.89 2.00
CA ALA A 347 -8.85 17.22 0.62
C ALA A 347 -10.23 16.75 0.15
N ILE A 348 -10.67 15.60 0.63
CA ILE A 348 -11.95 15.06 0.19
C ILE A 348 -13.15 15.93 0.56
N GLY A 349 -14.00 16.19 -0.42
CA GLY A 349 -15.19 16.99 -0.20
C GLY A 349 -16.49 16.33 -0.54
N GLY A 350 -16.41 15.18 -1.17
CA GLY A 350 -17.61 14.44 -1.55
C GLY A 350 -17.27 13.00 -1.77
N PHE A 351 -18.29 12.16 -1.73
CA PHE A 351 -18.15 10.75 -1.98
C PHE A 351 -19.21 10.30 -2.96
N VAL A 352 -18.83 9.62 -4.04
CA VAL A 352 -19.82 8.98 -4.87
C VAL A 352 -19.77 7.52 -4.52
N SER A 353 -20.78 7.08 -3.76
CA SER A 353 -20.80 5.72 -3.20
C SER A 353 -21.84 4.84 -3.88
N HIS A 354 -21.61 3.53 -3.81
CA HIS A 354 -22.53 2.48 -4.31
C HIS A 354 -23.57 2.15 -3.22
N CYS A 355 -23.37 2.71 -2.04
CA CYS A 355 -24.27 2.61 -0.86
C CYS A 355 -24.26 1.25 -0.19
N GLY A 356 -23.10 0.62 -0.18
CA GLY A 356 -22.87 -0.55 0.68
C GLY A 356 -22.82 -0.02 2.10
N TRP A 357 -23.31 -0.75 3.08
CA TRP A 357 -23.39 -0.17 4.43
C TRP A 357 -22.05 0.20 5.05
N ASN A 358 -20.99 -0.52 4.70
CA ASN A 358 -19.67 -0.22 5.28
C ASN A 358 -19.21 1.15 4.82
N SER A 359 -19.33 1.44 3.54
CA SER A 359 -18.93 2.74 2.96
C SER A 359 -19.90 3.82 3.40
N VAL A 360 -21.18 3.50 3.45
CA VAL A 360 -22.08 4.56 3.89
C VAL A 360 -21.81 4.96 5.32
N VAL A 361 -21.56 4.00 6.17
CA VAL A 361 -21.24 4.27 7.56
C VAL A 361 -19.95 5.02 7.73
N GLU A 362 -18.97 4.78 6.88
CA GLU A 362 -17.67 5.49 6.99
C GLU A 362 -17.86 6.93 6.55
N ALA A 363 -18.71 7.16 5.57
CA ALA A 363 -19.00 8.51 5.16
C ALA A 363 -19.68 9.27 6.27
N ALA A 364 -20.56 8.60 6.97
CA ALA A 364 -21.23 9.19 8.12
C ALA A 364 -20.23 9.53 9.21
N LYS A 365 -19.31 8.62 9.44
CA LYS A 365 -18.31 8.76 10.47
C LYS A 365 -17.36 9.91 10.22
N LEU A 366 -16.98 10.10 8.97
CA LEU A 366 -16.00 11.11 8.58
C LEU A 366 -16.63 12.39 8.09
N GLY A 367 -17.95 12.45 8.12
CA GLY A 367 -18.68 13.63 7.68
C GLY A 367 -18.50 14.05 6.25
N VAL A 368 -18.43 13.09 5.34
CA VAL A 368 -18.26 13.38 3.94
C VAL A 368 -19.59 13.32 3.23
N PRO A 369 -19.95 14.38 2.51
CA PRO A 369 -21.19 14.42 1.76
C PRO A 369 -21.19 13.42 0.62
N VAL A 370 -22.34 12.81 0.39
CA VAL A 370 -22.48 11.69 -0.51
C VAL A 370 -23.44 11.97 -1.64
N LEU A 371 -23.07 11.52 -2.84
CA LEU A 371 -24.01 11.37 -3.97
C LEU A 371 -24.22 9.86 -4.07
N ALA A 372 -25.41 9.38 -3.74
CA ALA A 372 -25.72 7.93 -3.70
C ALA A 372 -26.04 7.34 -5.07
N TRP A 373 -25.34 6.28 -5.44
CA TRP A 373 -25.58 5.60 -6.74
C TRP A 373 -25.68 4.10 -6.52
N PRO A 374 -26.73 3.59 -5.86
CA PRO A 374 -26.84 2.18 -5.58
C PRO A 374 -27.12 1.30 -6.81
N PRO A 375 -26.28 0.31 -7.11
CA PRO A 375 -26.48 -0.56 -8.24
C PRO A 375 -27.20 -1.88 -7.97
N HIS A 376 -26.81 -2.63 -6.94
CA HIS A 376 -27.42 -3.94 -6.66
C HIS A 376 -27.71 -4.10 -5.17
N GLY A 377 -28.36 -5.20 -4.85
CA GLY A 377 -28.63 -5.67 -3.48
C GLY A 377 -29.34 -4.71 -2.56
N ASP A 378 -28.84 -4.61 -1.34
CA ASP A 378 -29.49 -3.79 -0.28
C ASP A 378 -29.07 -2.33 -0.38
N GLN A 379 -28.20 -2.01 -1.32
CA GLN A 379 -27.65 -0.65 -1.53
C GLN A 379 -28.76 0.37 -1.84
N ARG A 380 -29.83 -0.04 -2.52
CA ARG A 380 -30.96 0.88 -2.78
C ARG A 380 -31.64 1.29 -1.47
N VAL A 381 -31.83 0.36 -0.55
CA VAL A 381 -32.41 0.67 0.79
C VAL A 381 -31.44 1.48 1.63
N ASN A 382 -30.14 1.22 1.51
CA ASN A 382 -29.06 1.96 2.22
C ASN A 382 -29.05 3.41 1.74
N ALA A 383 -29.30 3.61 0.47
CA ALA A 383 -29.39 4.95 -0.15
C ALA A 383 -30.57 5.71 0.44
N GLU A 384 -31.67 5.01 0.71
CA GLU A 384 -32.89 5.60 1.31
C GLU A 384 -32.52 6.18 2.67
N VAL A 385 -31.73 5.45 3.45
CA VAL A 385 -31.22 5.90 4.79
C VAL A 385 -30.30 7.10 4.58
N VAL A 386 -29.47 7.09 3.54
CA VAL A 386 -28.53 8.22 3.27
C VAL A 386 -29.34 9.49 3.04
N GLU A 387 -30.42 9.37 2.27
CA GLU A 387 -31.33 10.51 1.97
C GLU A 387 -32.09 10.95 3.22
N LYS A 388 -32.56 9.99 4.02
CA LYS A 388 -33.38 10.30 5.21
C LYS A 388 -32.58 11.06 6.26
N VAL A 389 -31.32 10.66 6.51
CA VAL A 389 -30.48 11.33 7.54
C VAL A 389 -29.91 12.65 7.04
N GLY A 390 -29.98 12.93 5.74
CA GLY A 390 -29.43 14.17 5.19
C GLY A 390 -27.96 14.02 4.91
N LEU A 391 -27.45 12.79 4.92
CA LEU A 391 -26.03 12.47 4.64
C LEU A 391 -25.69 12.66 3.16
N GLY A 392 -26.64 12.52 2.25
CA GLY A 392 -26.30 12.67 0.83
C GLY A 392 -27.50 12.89 -0.07
N LEU A 393 -27.23 13.16 -1.35
CA LEU A 393 -28.25 13.35 -2.40
C LEU A 393 -28.48 12.01 -3.09
N TRP A 394 -29.72 11.69 -3.46
CA TRP A 394 -29.98 10.40 -4.14
C TRP A 394 -31.12 10.53 -5.16
N VAL A 395 -30.97 9.89 -6.31
CA VAL A 395 -32.08 9.86 -7.31
C VAL A 395 -32.54 8.41 -7.42
N ARG A 396 -33.78 8.15 -7.03
CA ARG A 396 -34.39 6.80 -7.03
C ARG A 396 -34.60 6.31 -8.46
N GLY A 397 -34.82 7.23 -9.40
CA GLY A 397 -35.10 6.95 -10.82
C GLY A 397 -33.98 6.27 -11.56
N TRP A 398 -32.73 6.42 -11.12
CA TRP A 398 -31.58 5.78 -11.78
C TRP A 398 -31.75 4.26 -11.71
N GLY A 399 -32.21 3.74 -10.60
CA GLY A 399 -32.55 2.32 -10.52
C GLY A 399 -31.37 1.43 -10.28
N TRP A 400 -31.55 0.14 -10.51
CA TRP A 400 -30.51 -0.90 -10.39
C TRP A 400 -29.56 -0.76 -11.56
N ALA A 401 -28.33 -1.23 -11.41
CA ALA A 401 -27.37 -1.12 -12.52
C ALA A 401 -27.89 -1.86 -13.74
N GLY A 402 -27.80 -1.20 -14.89
CA GLY A 402 -28.07 -1.80 -16.19
C GLY A 402 -29.50 -1.65 -16.66
N GLU A 403 -30.36 -1.21 -15.77
CA GLU A 403 -31.74 -0.94 -16.10
C GLU A 403 -31.89 0.22 -17.05
N ARG A 404 -31.13 1.26 -16.79
CA ARG A 404 -31.28 2.51 -17.51
C ARG A 404 -29.93 3.09 -17.81
N LEU A 405 -29.85 3.90 -18.84
CA LEU A 405 -28.64 4.64 -19.11
C LEU A 405 -28.85 6.05 -18.62
N ILE A 406 -27.96 6.50 -17.75
CA ILE A 406 -28.07 7.83 -17.20
C ILE A 406 -26.98 8.66 -17.81
N GLY A 407 -27.40 9.76 -18.41
CA GLY A 407 -26.55 10.63 -19.18
C GLY A 407 -25.67 11.55 -18.40
N ARG A 408 -24.73 12.15 -19.10
CA ARG A 408 -23.78 13.05 -18.46
C ARG A 408 -24.52 14.18 -17.84
N ASP A 409 -25.48 14.74 -18.57
CA ASP A 409 -26.14 15.94 -18.13
C ASP A 409 -26.90 15.75 -16.84
N GLU A 410 -27.61 14.63 -16.73
CA GLU A 410 -28.29 14.30 -15.51
C GLU A 410 -27.36 14.05 -14.34
N ILE A 411 -26.29 13.29 -14.58
CA ILE A 411 -25.33 13.00 -13.52
C ILE A 411 -24.62 14.26 -13.05
N ALA A 412 -24.27 15.11 -13.99
CA ALA A 412 -23.55 16.35 -13.76
C ALA A 412 -24.34 17.30 -12.89
N GLU A 413 -25.63 17.35 -13.08
CA GLU A 413 -26.48 18.20 -12.29
C GLU A 413 -26.38 17.82 -10.83
N LYS A 414 -26.39 16.52 -10.56
CA LYS A 414 -26.24 16.01 -9.21
C LYS A 414 -24.87 16.30 -8.61
N LEU A 415 -23.84 16.20 -9.41
CA LEU A 415 -22.48 16.50 -8.98
C LEU A 415 -22.28 17.95 -8.61
N ILE A 416 -22.87 18.83 -9.41
CA ILE A 416 -22.87 20.25 -9.17
C ILE A 416 -23.65 20.63 -7.91
N GLU A 417 -24.74 19.95 -7.67
CA GLU A 417 -25.49 20.12 -6.45
C GLU A 417 -24.70 19.71 -5.23
N LEU A 418 -23.99 18.62 -5.33
CA LEU A 418 -23.28 18.09 -4.20
C LEU A 418 -22.30 19.12 -3.75
N ARG A 419 -21.70 19.77 -4.72
CA ARG A 419 -20.73 20.82 -4.47
C ARG A 419 -21.36 22.02 -3.79
N ASN A 420 -22.54 22.38 -4.24
CA ASN A 420 -23.13 23.65 -3.85
C ASN A 420 -24.13 23.62 -2.73
N ASP A 421 -24.47 22.46 -2.21
CA ASP A 421 -25.53 22.39 -1.24
C ASP A 421 -24.99 22.70 0.12
N GLU A 422 -25.26 23.92 0.58
CA GLU A 422 -24.81 24.40 1.87
C GLU A 422 -25.44 23.64 3.00
N ARG A 423 -26.71 23.33 2.86
CA ARG A 423 -27.47 22.64 3.90
C ARG A 423 -26.90 21.28 4.11
N LEU A 424 -26.57 20.61 3.02
CA LEU A 424 -26.07 19.26 3.09
C LEU A 424 -24.76 19.21 3.86
N ARG A 425 -23.88 20.15 3.60
CA ARG A 425 -22.61 20.18 4.27
C ARG A 425 -22.81 20.37 5.75
N GLU A 426 -23.72 21.24 6.12
CA GLU A 426 -24.06 21.49 7.51
C GLU A 426 -24.68 20.31 8.24
N ARG A 427 -25.58 19.61 7.56
CA ARG A 427 -26.19 18.39 8.06
C ARG A 427 -25.21 17.25 8.22
N VAL A 428 -24.26 17.16 7.31
CA VAL A 428 -23.22 16.12 7.34
C VAL A 428 -22.34 16.25 8.58
N LYS A 429 -22.08 17.49 8.96
CA LYS A 429 -21.29 17.81 10.13
C LYS A 429 -21.96 17.28 11.37
N GLU A 430 -23.28 17.44 11.41
CA GLU A 430 -24.08 16.90 12.49
C GLU A 430 -24.10 15.38 12.57
N VAL A 431 -24.13 14.71 11.43
CA VAL A 431 -24.09 13.26 11.41
C VAL A 431 -22.77 12.81 12.00
N ARG A 432 -21.71 13.50 11.64
CA ARG A 432 -20.39 13.19 12.15
C ARG A 432 -20.26 13.42 13.63
N GLU A 433 -20.86 14.49 14.12
CA GLU A 433 -20.80 14.82 15.53
C GLU A 433 -21.48 13.73 16.30
N LYS A 434 -22.63 13.32 15.78
CA LYS A 434 -23.42 12.28 16.40
C LYS A 434 -22.75 10.95 16.36
N ALA A 435 -22.10 10.65 15.26
CA ALA A 435 -21.37 9.41 15.13
C ALA A 435 -20.23 9.36 16.13
N ARG A 436 -19.56 10.48 16.32
CA ARG A 436 -18.47 10.61 17.28
C ARG A 436 -18.92 10.41 18.71
N GLU A 437 -20.09 10.93 19.04
CA GLU A 437 -20.60 10.84 20.40
C GLU A 437 -20.77 9.39 20.78
N GLU A 438 -21.25 8.62 19.82
CA GLU A 438 -21.54 7.20 20.02
C GLU A 438 -20.33 6.34 20.33
N ARG A 439 -19.17 6.64 19.76
CA ARG A 439 -17.96 5.85 20.04
C ARG A 439 -17.15 6.42 21.18
N GLU A 440 -17.66 7.47 21.80
CA GLU A 440 -17.08 8.05 23.01
C GLU A 440 -17.42 7.23 24.24
N SER A 441 -16.80 7.52 25.37
CA SER A 441 -16.97 6.71 26.57
C SER A 441 -18.40 6.64 27.07
N GLY A 442 -19.12 7.75 26.99
CA GLY A 442 -20.49 7.78 27.44
C GLY A 442 -21.47 7.37 26.38
N GLY A 443 -20.98 7.06 25.19
CA GLY A 443 -21.82 6.74 24.05
C GLY A 443 -22.57 5.43 24.14
N ILE A 444 -23.70 5.33 23.48
CA ILE A 444 -24.48 4.11 23.48
C ILE A 444 -23.74 2.95 22.85
N SER A 445 -23.11 3.19 21.72
CA SER A 445 -22.42 2.13 21.04
C SER A 445 -21.28 1.63 21.88
N GLU A 446 -20.52 2.55 22.44
CA GLU A 446 -19.39 2.22 23.29
C GLU A 446 -19.83 1.57 24.59
N THR A 447 -20.92 2.07 25.16
CA THR A 447 -21.45 1.50 26.39
C THR A 447 -21.90 0.06 26.15
N LEU A 448 -22.54 -0.17 25.02
CA LEU A 448 -23.05 -1.48 24.69
C LEU A 448 -21.96 -2.52 24.49
N ILE A 449 -20.88 -2.15 23.81
CA ILE A 449 -19.77 -3.06 23.62
C ILE A 449 -19.07 -3.41 24.92
N ARG A 450 -18.85 -2.40 25.74
CA ARG A 450 -18.23 -2.59 27.04
C ARG A 450 -19.13 -3.45 27.89
N ASP A 451 -20.42 -3.24 27.78
CA ASP A 451 -21.40 -4.03 28.49
C ASP A 451 -21.32 -5.49 28.09
N LEU A 452 -21.17 -5.76 26.80
CA LEU A 452 -21.00 -7.11 26.31
C LEU A 452 -19.70 -7.79 26.74
N ILE A 453 -18.61 -7.04 26.72
CA ILE A 453 -17.32 -7.58 27.12
C ILE A 453 -17.35 -7.97 28.57
N HIS A 454 -18.04 -7.18 29.37
CA HIS A 454 -18.17 -7.45 30.78
C HIS A 454 -18.87 -8.76 31.05
N SER A 455 -19.88 -9.04 30.21
CA SER A 455 -20.71 -10.25 30.30
C SER A 455 -19.85 -11.51 30.22
N LEU A 456 -18.65 -11.39 29.62
CA LEU A 456 -17.59 -12.41 29.61
C LEU A 456 -18.01 -13.86 29.84
N GLN B 10 -0.17 -20.71 8.67
CA GLN B 10 1.29 -20.84 8.65
C GLN B 10 1.85 -19.85 7.64
N ARG B 11 3.10 -19.47 7.82
CA ARG B 11 3.76 -18.53 6.89
C ARG B 11 5.06 -19.11 6.40
N PRO B 12 5.41 -18.78 5.17
CA PRO B 12 6.74 -19.11 4.65
C PRO B 12 7.76 -18.34 5.44
N HIS B 13 8.91 -18.94 5.72
CA HIS B 13 9.95 -18.22 6.42
C HIS B 13 11.04 -17.87 5.42
N VAL B 14 11.37 -16.60 5.36
CA VAL B 14 12.31 -16.13 4.36
C VAL B 14 13.36 -15.26 5.04
N ALA B 15 14.54 -15.20 4.44
CA ALA B 15 15.60 -14.40 5.00
C ALA B 15 16.17 -13.50 3.95
N VAL B 16 16.57 -12.31 4.38
CA VAL B 16 17.13 -11.28 3.45
C VAL B 16 18.56 -11.01 3.92
N PHE B 17 19.53 -11.06 3.02
CA PHE B 17 20.92 -10.85 3.47
C PHE B 17 21.58 -9.72 2.68
N PRO B 18 21.82 -8.53 3.27
CA PRO B 18 22.53 -7.46 2.61
C PRO B 18 23.98 -7.50 3.11
N CYS B 19 24.93 -7.15 2.26
CA CYS B 19 26.35 -7.21 2.69
C CYS B 19 26.84 -5.90 3.32
N ALA B 20 26.97 -4.84 2.53
CA ALA B 20 27.48 -3.61 3.10
C ALA B 20 27.02 -2.36 2.39
N GLY B 21 26.89 -1.30 3.15
CA GLY B 21 26.51 -0.01 2.65
C GLY B 21 25.03 0.24 2.81
N MET B 22 24.70 1.49 3.05
CA MET B 22 23.33 1.91 3.22
C MET B 22 22.56 1.67 1.95
N GLY B 23 23.23 1.86 0.83
CA GLY B 23 22.60 1.70 -0.46
C GLY B 23 22.11 0.30 -0.66
N HIS B 24 22.89 -0.69 -0.26
CA HIS B 24 22.40 -2.06 -0.11
C HIS B 24 21.47 -2.41 1.03
N LEU B 25 21.77 -1.94 2.24
CA LEU B 25 21.07 -2.39 3.43
C LEU B 25 19.60 -2.02 3.50
N LEU B 26 19.30 -0.78 3.17
CA LEU B 26 17.95 -0.25 3.29
C LEU B 26 16.97 -0.90 2.34
N PRO B 27 17.42 -1.15 1.14
CA PRO B 27 16.60 -1.78 0.12
C PRO B 27 16.18 -3.16 0.56
N TYR B 28 17.10 -3.90 1.15
CA TYR B 28 16.81 -5.19 1.75
C TYR B 28 15.87 -5.08 2.94
N LEU B 29 16.09 -4.05 3.74
CA LEU B 29 15.22 -3.79 4.86
C LEU B 29 13.83 -3.46 4.39
N ARG B 30 13.74 -2.70 3.31
CA ARG B 30 12.47 -2.42 2.68
C ARG B 30 11.80 -3.65 2.11
N LEU B 31 12.57 -4.50 1.46
CA LEU B 31 12.01 -5.73 0.93
C LEU B 31 11.51 -6.62 2.04
N ALA B 32 12.26 -6.66 3.13
CA ALA B 32 11.89 -7.50 4.26
C ALA B 32 10.58 -7.06 4.85
N ALA B 33 10.41 -5.76 4.98
CA ALA B 33 9.16 -5.22 5.48
C ALA B 33 8.04 -5.51 4.52
N MET B 34 8.33 -5.42 3.24
CA MET B 34 7.36 -5.68 2.20
C MET B 34 6.89 -7.11 2.25
N LEU B 35 7.82 -8.01 2.45
CA LEU B 35 7.49 -9.42 2.57
C LEU B 35 6.65 -9.70 3.79
N HIS B 36 6.97 -9.03 4.89
CA HIS B 36 6.25 -9.23 6.13
C HIS B 36 4.79 -8.84 6.08
N SER B 37 4.48 -7.71 5.46
CA SER B 37 3.11 -7.23 5.36
C SER B 37 2.30 -8.19 4.52
N ARG B 38 3.00 -8.93 3.68
CA ARG B 38 2.41 -9.77 2.68
C ARG B 38 2.35 -11.25 3.04
N GLY B 39 2.48 -11.56 4.32
CA GLY B 39 2.34 -12.92 4.79
C GLY B 39 3.57 -13.77 5.02
N CYS B 40 4.73 -13.13 5.01
CA CYS B 40 5.98 -13.85 5.18
C CYS B 40 6.52 -13.75 6.59
N ALA B 41 7.15 -14.83 7.04
CA ALA B 41 7.89 -14.80 8.29
C ALA B 41 9.32 -14.52 7.90
N VAL B 42 9.88 -13.48 8.48
CA VAL B 42 11.08 -12.88 7.95
C VAL B 42 12.23 -12.76 8.94
N SER B 43 13.42 -13.07 8.47
CA SER B 43 14.62 -12.87 9.27
C SER B 43 15.56 -12.01 8.46
N VAL B 44 16.27 -11.12 9.11
CA VAL B 44 17.29 -10.34 8.43
C VAL B 44 18.66 -10.74 8.92
N ILE B 45 19.54 -11.09 8.00
CA ILE B 45 20.88 -11.52 8.36
C ILE B 45 21.84 -10.39 8.13
N SER B 46 22.56 -10.01 9.17
CA SER B 46 23.51 -8.91 9.10
C SER B 46 24.86 -9.39 9.54
N ALA B 47 25.91 -8.82 8.95
CA ALA B 47 27.30 -9.21 9.28
C ALA B 47 27.87 -8.19 10.27
N HIS B 48 28.53 -8.68 11.32
CA HIS B 48 29.07 -7.77 12.36
C HIS B 48 30.56 -8.00 12.58
N PRO B 49 31.36 -6.99 12.98
CA PRO B 49 30.94 -5.59 13.07
C PRO B 49 30.65 -4.87 11.76
N THR B 50 29.65 -4.00 11.81
CA THR B 50 29.20 -3.22 10.65
C THR B 50 30.25 -2.17 10.33
N ILE B 51 30.44 -1.87 9.05
CA ILE B 51 31.40 -0.84 8.68
C ILE B 51 31.09 0.54 9.21
N SER B 52 29.83 0.94 9.15
CA SER B 52 29.53 2.30 9.64
C SER B 52 28.56 2.23 10.80
N ASP B 53 28.49 3.32 11.56
CA ASP B 53 27.58 3.45 12.66
C ASP B 53 26.15 3.47 12.18
N ALA B 54 25.94 4.15 11.06
CA ALA B 54 24.60 4.25 10.50
C ALA B 54 24.06 2.88 10.13
N GLU B 55 24.92 2.04 9.59
CA GLU B 55 24.46 0.71 9.23
C GLU B 55 24.01 0.02 10.48
N SER B 56 24.80 0.17 11.53
CA SER B 56 24.46 -0.37 12.83
C SER B 56 23.23 0.28 13.41
N ARG B 57 23.14 1.59 13.27
CA ARG B 57 22.02 2.33 13.79
C ARG B 57 20.73 1.91 13.13
N SER B 58 20.76 1.75 11.82
CA SER B 58 19.55 1.38 11.10
C SER B 58 19.06 0.02 11.50
N LEU B 59 19.96 -0.93 11.64
CA LEU B 59 19.55 -2.28 11.92
C LEU B 59 18.88 -2.39 13.27
N SER B 60 19.48 -1.76 14.28
CA SER B 60 18.95 -1.82 15.62
C SER B 60 17.62 -1.12 15.67
N SER B 61 17.53 0.01 15.00
CA SER B 61 16.30 0.77 14.95
C SER B 61 15.19 -0.01 14.25
N PHE B 62 15.55 -0.70 13.19
CA PHE B 62 14.59 -1.39 12.36
C PHE B 62 13.86 -2.47 13.14
N PHE B 63 14.61 -3.23 13.92
CA PHE B 63 14.05 -4.29 14.74
C PHE B 63 13.13 -3.78 15.83
N SER B 64 13.46 -2.65 16.41
CA SER B 64 12.58 -2.02 17.36
C SER B 64 11.26 -1.61 16.71
N LEU B 65 11.35 -1.10 15.50
CA LEU B 65 10.18 -0.76 14.71
C LEU B 65 9.33 -1.95 14.26
N TYR B 66 9.99 -3.04 13.91
CA TYR B 66 9.29 -4.25 13.54
C TYR B 66 9.71 -5.37 14.47
N PRO B 67 8.97 -5.56 15.54
CA PRO B 67 9.29 -6.59 16.52
C PRO B 67 9.16 -7.97 15.93
N GLN B 68 8.20 -8.14 15.04
CA GLN B 68 7.92 -9.40 14.37
C GLN B 68 9.03 -9.89 13.45
N ILE B 69 9.69 -8.97 12.77
CA ILE B 69 10.84 -9.33 11.94
C ILE B 69 12.02 -9.69 12.82
N ARG B 70 12.79 -10.67 12.38
CA ARG B 70 13.81 -11.25 13.25
C ARG B 70 15.25 -11.07 12.78
N SER B 71 16.13 -10.86 13.76
CA SER B 71 17.52 -10.59 13.50
C SER B 71 18.42 -11.81 13.66
N LEU B 72 19.18 -12.09 12.62
CA LEU B 72 20.17 -13.12 12.68
C LEU B 72 21.49 -12.44 12.40
N GLU B 73 22.43 -12.57 13.32
CA GLU B 73 23.67 -11.86 13.25
C GLU B 73 24.79 -12.84 13.04
N ILE B 74 25.68 -12.51 12.13
CA ILE B 74 26.86 -13.31 11.92
C ILE B 74 28.06 -12.51 12.37
N GLN B 75 28.82 -13.04 13.34
CA GLN B 75 30.00 -12.36 13.85
C GLN B 75 31.19 -12.65 12.94
N LEU B 76 32.01 -11.63 12.69
CA LEU B 76 33.05 -11.73 11.66
C LEU B 76 34.42 -11.89 12.29
N LEU B 77 35.21 -12.83 11.76
CA LEU B 77 36.63 -12.89 12.10
C LEU B 77 37.31 -11.60 11.66
N PRO B 78 38.16 -11.00 12.51
CA PRO B 78 39.10 -9.92 12.19
C PRO B 78 40.41 -10.49 11.62
N ASP B 89 36.25 1.24 -0.79
CA ASP B 89 37.46 0.54 -0.34
C ASP B 89 37.19 -0.22 0.96
N PRO B 90 36.75 0.45 2.02
CA PRO B 90 36.34 -0.32 3.21
C PRO B 90 35.11 -1.16 2.98
N PHE B 91 34.13 -0.58 2.27
CA PHE B 91 32.87 -1.28 1.95
C PHE B 91 33.21 -2.46 1.04
N PHE B 92 34.13 -2.25 0.11
CA PHE B 92 34.60 -3.35 -0.71
C PHE B 92 35.35 -4.38 0.11
N ILE B 93 36.18 -3.93 1.04
CA ILE B 93 36.94 -4.84 1.87
C ILE B 93 36.02 -5.68 2.70
N GLN B 94 34.96 -5.06 3.21
CA GLN B 94 34.04 -5.73 4.09
C GLN B 94 33.36 -6.86 3.37
N ARG B 95 33.00 -6.63 2.12
CA ARG B 95 32.35 -7.65 1.34
C ARG B 95 33.27 -8.82 1.16
N GLU B 96 34.56 -8.54 0.98
CA GLU B 96 35.51 -9.61 0.81
C GLU B 96 35.55 -10.44 2.07
N SER B 97 35.47 -9.76 3.21
CA SER B 97 35.50 -10.40 4.51
C SER B 97 34.31 -11.32 4.70
N ILE B 98 33.15 -10.87 4.23
CA ILE B 98 31.92 -11.61 4.34
C ILE B 98 31.99 -12.90 3.58
N GLY B 99 32.57 -12.85 2.40
CA GLY B 99 32.76 -14.03 1.59
C GLY B 99 33.64 -15.02 2.33
N ASN B 100 34.63 -14.49 3.04
CA ASN B 100 35.52 -15.32 3.83
C ASN B 100 34.77 -16.04 4.94
N SER B 101 33.86 -15.34 5.60
CA SER B 101 33.22 -15.84 6.81
C SER B 101 31.89 -16.51 6.48
N ILE B 102 31.70 -16.79 5.20
CA ILE B 102 30.42 -17.25 4.66
C ILE B 102 29.95 -18.57 5.25
N HIS B 103 30.89 -19.40 5.68
CA HIS B 103 30.56 -20.68 6.27
C HIS B 103 29.78 -20.51 7.57
N LEU B 104 29.92 -19.37 8.20
CA LEU B 104 29.31 -19.11 9.49
C LEU B 104 27.80 -19.25 9.37
N LEU B 105 27.29 -19.07 8.17
CA LEU B 105 25.88 -19.23 7.88
C LEU B 105 25.40 -20.66 8.11
N ARG B 106 26.23 -21.64 7.81
CA ARG B 106 25.77 -23.02 7.74
C ARG B 106 25.20 -23.49 9.05
N PRO B 107 25.85 -23.16 10.15
CA PRO B 107 25.30 -23.49 11.46
C PRO B 107 24.02 -22.74 11.66
N LEU B 108 24.01 -21.49 11.22
CA LEU B 108 22.86 -20.63 11.36
C LEU B 108 21.64 -21.07 10.57
N LEU B 109 21.85 -21.49 9.33
CA LEU B 109 20.73 -21.97 8.55
C LEU B 109 20.19 -23.23 9.20
N ALA B 110 21.11 -24.07 9.66
CA ALA B 110 20.74 -25.32 10.29
C ALA B 110 19.96 -25.07 11.56
N SER B 111 20.40 -24.07 12.30
CA SER B 111 19.80 -23.69 13.57
C SER B 111 18.37 -23.25 13.37
N LEU B 112 18.11 -22.60 12.24
CA LEU B 112 16.86 -21.92 12.06
C LEU B 112 15.63 -22.82 12.09
N SER B 113 14.65 -22.41 12.89
CA SER B 113 13.33 -23.01 12.88
C SER B 113 12.30 -21.89 12.86
N PRO B 114 11.30 -21.98 12.01
CA PRO B 114 11.21 -23.04 11.00
C PRO B 114 12.14 -22.78 9.84
N PRO B 115 12.36 -23.80 9.03
CA PRO B 115 13.28 -23.72 7.91
C PRO B 115 12.84 -22.69 6.89
N LEU B 116 13.79 -22.02 6.26
CA LEU B 116 13.45 -21.05 5.25
C LEU B 116 12.89 -21.70 4.01
N SER B 117 11.79 -21.16 3.51
CA SER B 117 11.29 -21.42 2.18
C SER B 117 12.17 -20.84 1.10
N ALA B 118 12.70 -19.65 1.36
CA ALA B 118 13.56 -18.97 0.42
C ALA B 118 14.49 -17.99 1.12
N ILE B 119 15.56 -17.61 0.44
CA ILE B 119 16.49 -16.64 0.97
C ILE B 119 16.87 -15.62 -0.11
N PHE B 120 17.06 -14.37 0.28
CA PHE B 120 17.53 -13.38 -0.67
C PHE B 120 18.90 -12.91 -0.24
N VAL B 121 19.88 -13.04 -1.12
CA VAL B 121 21.24 -12.66 -0.78
C VAL B 121 21.76 -11.67 -1.79
N ASP B 122 22.65 -10.81 -1.32
CA ASP B 122 23.17 -9.70 -2.10
C ASP B 122 24.00 -10.16 -3.26
N PHE B 123 24.07 -9.35 -4.29
CA PHE B 123 24.66 -9.73 -5.55
C PHE B 123 26.12 -10.13 -5.42
N PRO B 124 26.85 -9.42 -4.56
CA PRO B 124 28.28 -9.63 -4.46
C PRO B 124 28.67 -11.04 -4.00
N VAL B 125 27.96 -11.57 -3.00
CA VAL B 125 28.32 -12.89 -2.40
C VAL B 125 27.45 -14.00 -2.98
N LEU B 126 26.97 -13.84 -4.20
CA LEU B 126 26.09 -14.88 -4.79
C LEU B 126 26.86 -16.17 -4.97
N THR B 127 28.09 -16.07 -5.46
CA THR B 127 29.01 -17.21 -5.70
C THR B 127 29.36 -17.90 -4.39
N GLU B 128 29.86 -17.12 -3.43
CA GLU B 128 30.27 -17.65 -2.12
C GLU B 128 29.12 -18.38 -1.42
N PHE B 129 27.89 -17.93 -1.63
CA PHE B 129 26.78 -18.57 -0.98
C PHE B 129 26.26 -19.73 -1.80
N SER B 130 26.85 -19.94 -2.97
CA SER B 130 26.33 -20.89 -3.91
C SER B 130 26.34 -22.30 -3.37
N PRO B 131 27.41 -22.67 -2.68
CA PRO B 131 27.52 -23.99 -2.08
C PRO B 131 26.48 -24.20 -1.00
N ILE B 132 26.28 -23.18 -0.18
CA ILE B 132 25.37 -23.27 0.93
C ILE B 132 23.96 -23.47 0.44
N ALA B 133 23.63 -22.77 -0.63
CA ALA B 133 22.32 -22.92 -1.20
C ALA B 133 22.10 -24.33 -1.71
N ALA B 134 23.10 -24.85 -2.40
CA ALA B 134 22.95 -26.15 -3.03
C ALA B 134 22.78 -27.26 -2.03
N ASP B 135 23.58 -27.24 -0.98
CA ASP B 135 23.55 -28.28 0.02
C ASP B 135 22.21 -28.29 0.71
N PHE B 136 21.74 -27.10 1.01
CA PHE B 136 20.50 -26.93 1.75
C PHE B 136 19.27 -27.09 0.90
N SER B 137 19.44 -27.16 -0.41
CA SER B 137 18.29 -27.31 -1.27
C SER B 137 17.30 -26.22 -0.97
N LEU B 138 17.83 -25.01 -0.79
CA LEU B 138 17.04 -23.85 -0.45
C LEU B 138 17.00 -22.90 -1.62
N PRO B 139 15.81 -22.55 -2.07
CA PRO B 139 15.66 -21.63 -3.19
C PRO B 139 16.21 -20.28 -2.83
N THR B 140 16.94 -19.65 -3.73
CA THR B 140 17.57 -18.38 -3.41
C THR B 140 17.34 -17.32 -4.48
N TYR B 141 17.30 -16.07 -4.03
CA TYR B 141 16.95 -14.94 -4.85
C TYR B 141 17.93 -13.81 -4.62
N THR B 142 17.96 -12.86 -5.53
CA THR B 142 18.69 -11.61 -5.29
C THR B 142 17.79 -10.42 -5.41
N LEU B 143 18.16 -9.37 -4.71
CA LEU B 143 17.61 -8.07 -4.94
C LEU B 143 18.73 -7.23 -5.47
N ILE B 144 18.52 -6.64 -6.63
CA ILE B 144 19.52 -5.81 -7.26
C ILE B 144 19.17 -4.38 -6.98
N VAL B 145 20.15 -3.65 -6.46
CA VAL B 145 19.92 -2.33 -5.93
C VAL B 145 20.29 -1.22 -6.90
N THR B 146 20.64 -1.64 -8.10
CA THR B 146 21.08 -0.73 -9.18
C THR B 146 20.02 -0.67 -10.27
N SER B 147 20.21 0.18 -11.27
CA SER B 147 19.26 0.28 -12.37
C SER B 147 19.34 -0.88 -13.32
N ALA B 148 18.27 -1.04 -14.08
CA ALA B 148 18.24 -2.03 -15.12
C ALA B 148 19.30 -1.72 -16.16
N ARG B 149 19.50 -0.45 -16.45
CA ARG B 149 20.51 -0.02 -17.40
C ARG B 149 21.93 -0.32 -16.98
N PHE B 150 22.28 -0.08 -15.72
CA PHE B 150 23.59 -0.46 -15.24
C PHE B 150 23.78 -1.95 -15.20
N PHE B 151 22.74 -2.65 -14.78
CA PHE B 151 22.74 -4.09 -14.62
C PHE B 151 22.94 -4.82 -15.93
N SER B 152 22.38 -4.29 -17.00
CA SER B 152 22.58 -4.87 -18.29
C SER B 152 24.06 -4.81 -18.61
N LEU B 153 24.69 -3.71 -18.25
CA LEU B 153 26.12 -3.56 -18.42
C LEU B 153 26.85 -4.59 -17.59
N MET B 154 26.37 -4.84 -16.39
CA MET B 154 27.03 -5.84 -15.53
C MET B 154 26.82 -7.24 -16.10
N ALA B 155 25.64 -7.52 -16.64
CA ALA B 155 25.40 -8.87 -17.18
C ALA B 155 26.16 -9.07 -18.49
N HIS B 156 26.50 -7.98 -19.18
CA HIS B 156 27.19 -8.06 -20.44
C HIS B 156 28.69 -7.94 -20.27
N LEU B 157 29.13 -7.69 -19.05
CA LEU B 157 30.53 -7.43 -18.79
C LEU B 157 31.41 -8.60 -19.12
N PRO B 158 30.95 -9.79 -18.80
CA PRO B 158 31.74 -11.01 -19.02
C PRO B 158 32.03 -11.22 -20.50
N ARG B 159 31.02 -11.04 -21.34
CA ARG B 159 31.18 -11.08 -22.78
C ARG B 159 32.06 -9.95 -23.27
N LEU B 160 31.86 -8.77 -22.70
CA LEU B 160 32.51 -7.56 -23.15
C LEU B 160 34.02 -7.61 -23.03
N LEU B 161 34.47 -8.12 -21.89
CA LEU B 161 35.93 -8.22 -21.70
C LEU B 161 36.47 -9.12 -22.81
N GLU B 162 35.77 -10.21 -23.13
CA GLU B 162 36.23 -11.14 -24.15
C GLU B 162 36.51 -10.40 -25.44
N GLN B 163 35.69 -9.39 -25.76
CA GLN B 163 35.88 -8.54 -26.96
C GLN B 163 37.29 -7.92 -26.90
N GLU B 164 38.08 -8.17 -27.93
CA GLU B 164 39.53 -7.83 -27.97
C GLU B 164 39.84 -6.33 -27.83
N ASP B 165 39.17 -5.45 -28.58
CA ASP B 165 39.47 -4.01 -28.46
C ASP B 165 39.21 -3.58 -27.01
N ASP B 166 40.24 -3.12 -26.30
CA ASP B 166 40.08 -2.70 -24.87
C ASP B 166 39.09 -1.54 -24.82
N ILE B 167 38.09 -1.65 -23.94
CA ILE B 167 36.95 -0.70 -23.80
C ILE B 167 37.33 0.78 -23.74
N SER B 168 38.44 1.16 -23.11
CA SER B 168 38.76 2.61 -22.95
C SER B 168 38.93 3.33 -24.30
N LYS B 169 39.51 2.66 -25.30
CA LYS B 169 39.75 3.24 -26.63
C LYS B 169 38.44 3.58 -27.36
N LYS B 170 37.42 2.72 -27.23
CA LYS B 170 36.10 2.89 -27.88
C LYS B 170 35.27 3.99 -27.19
N SER B 171 34.55 4.81 -27.96
CA SER B 171 33.68 5.88 -27.41
C SER B 171 32.43 5.31 -26.73
N GLU B 172 31.87 4.24 -27.27
CA GLU B 172 30.65 3.68 -26.66
C GLU B 172 30.71 2.16 -26.62
N VAL B 173 29.89 1.58 -25.76
CA VAL B 173 29.83 0.14 -25.63
C VAL B 173 28.40 -0.26 -25.91
N CYS B 174 28.19 -1.21 -26.81
CA CYS B 174 26.82 -1.56 -27.11
C CYS B 174 26.45 -2.87 -26.43
N VAL B 175 25.60 -2.78 -25.42
CA VAL B 175 24.92 -3.93 -24.85
C VAL B 175 23.81 -4.32 -25.80
N PRO B 176 23.57 -5.61 -25.94
CA PRO B 176 22.60 -6.04 -26.94
C PRO B 176 21.21 -5.55 -26.60
N HIS B 177 20.52 -5.01 -27.59
CA HIS B 177 19.13 -4.61 -27.42
C HIS B 177 18.95 -3.37 -26.58
N LEU B 178 20.03 -2.62 -26.41
CA LEU B 178 20.02 -1.46 -25.53
C LEU B 178 20.56 -0.26 -26.24
N ASP B 179 20.18 0.93 -25.78
CA ASP B 179 20.74 2.16 -26.26
C ASP B 179 22.19 2.04 -25.90
N PRO B 180 23.09 2.46 -26.78
CA PRO B 180 24.50 2.29 -26.46
C PRO B 180 24.86 3.12 -25.26
N ILE B 181 25.78 2.63 -24.45
CA ILE B 181 26.21 3.31 -23.26
C ILE B 181 27.56 3.93 -23.53
N GLN B 182 27.68 5.23 -23.32
CA GLN B 182 28.95 5.89 -23.52
C GLN B 182 29.94 5.50 -22.46
N VAL B 183 31.17 5.34 -22.90
CA VAL B 183 32.26 4.88 -22.06
C VAL B 183 32.63 5.83 -20.93
N SER B 184 32.44 7.11 -21.14
CA SER B 184 32.66 8.09 -20.09
C SER B 184 31.70 7.84 -18.95
N SER B 185 30.56 7.21 -19.24
CA SER B 185 29.58 6.88 -18.22
C SER B 185 29.91 5.59 -17.48
N ILE B 186 30.95 4.91 -17.92
CA ILE B 186 31.34 3.65 -17.32
C ILE B 186 32.59 3.80 -16.50
N PRO B 187 32.53 3.37 -15.24
CA PRO B 187 33.66 3.51 -14.33
C PRO B 187 34.85 2.74 -14.82
N PRO B 188 36.02 3.33 -14.77
CA PRO B 188 37.22 2.76 -15.38
C PRO B 188 37.55 1.42 -14.75
N GLN B 189 37.26 1.31 -13.47
CA GLN B 189 37.51 0.12 -12.70
C GLN B 189 36.75 -1.05 -13.31
N MET B 190 35.56 -0.79 -13.83
CA MET B 190 34.80 -1.82 -14.52
C MET B 190 35.44 -2.34 -15.80
N LEU B 191 36.11 -1.46 -16.52
CA LEU B 191 36.71 -1.84 -17.80
C LEU B 191 38.13 -2.38 -17.69
N ASP B 192 38.67 -2.35 -16.48
CA ASP B 192 40.04 -2.79 -16.26
C ASP B 192 40.06 -4.18 -15.63
N ARG B 193 40.73 -5.10 -16.29
CA ARG B 193 40.79 -6.51 -15.90
C ARG B 193 41.48 -6.86 -14.58
N ARG B 194 42.55 -6.14 -14.25
CA ARG B 194 43.29 -6.41 -13.02
C ARG B 194 42.44 -6.19 -11.80
N HIS B 195 41.56 -5.21 -11.86
CA HIS B 195 40.74 -4.82 -10.73
C HIS B 195 39.79 -5.93 -10.27
N PHE B 196 39.67 -6.07 -8.96
CA PHE B 196 38.77 -7.03 -8.36
C PHE B 196 37.35 -6.74 -8.78
N PHE B 197 37.03 -5.47 -8.89
CA PHE B 197 35.66 -5.09 -9.05
C PHE B 197 35.21 -5.85 -10.26
N VAL B 198 36.07 -5.97 -11.25
CA VAL B 198 35.73 -6.78 -12.42
C VAL B 198 35.53 -8.24 -12.03
N GLU B 199 36.36 -8.73 -11.12
CA GLU B 199 36.24 -10.10 -10.67
C GLU B 199 34.94 -10.34 -9.94
N THR B 200 34.48 -9.34 -9.20
CA THR B 200 33.19 -9.43 -8.49
C THR B 200 32.03 -9.46 -9.48
N ILE B 201 31.95 -8.48 -10.38
CA ILE B 201 30.83 -8.43 -11.37
C ILE B 201 30.73 -9.72 -12.16
N THR B 202 31.86 -10.23 -12.65
CA THR B 202 31.87 -11.36 -13.61
C THR B 202 31.53 -12.68 -12.92
N SER B 203 32.04 -12.86 -11.72
CA SER B 203 31.80 -14.10 -10.96
C SER B 203 30.30 -14.28 -10.72
N ASN B 204 29.71 -13.29 -10.08
CA ASN B 204 28.34 -13.29 -9.61
C ASN B 204 27.29 -13.40 -10.71
N VAL B 205 27.60 -12.73 -11.81
CA VAL B 205 26.70 -12.75 -12.98
C VAL B 205 26.46 -14.21 -13.34
N ALA B 206 27.49 -15.06 -13.32
CA ALA B 206 27.47 -16.48 -13.72
C ALA B 206 26.64 -17.27 -12.72
N SER B 207 26.72 -16.85 -11.47
CA SER B 207 25.95 -17.48 -10.37
C SER B 207 24.50 -17.06 -10.54
N LEU B 208 24.21 -16.30 -11.59
CA LEU B 208 22.83 -15.78 -11.71
C LEU B 208 21.92 -16.90 -12.21
N SER B 209 22.50 -18.01 -12.67
CA SER B 209 21.68 -19.12 -13.22
C SER B 209 21.15 -20.00 -12.10
N TYR B 210 21.84 -20.07 -10.97
CA TYR B 210 21.24 -20.89 -9.92
C TYR B 210 20.01 -20.29 -9.23
N LEU B 211 19.90 -18.97 -9.25
CA LEU B 211 18.81 -18.27 -8.58
C LEU B 211 17.42 -18.48 -9.18
N LYS B 212 16.42 -18.57 -8.33
CA LYS B 212 15.04 -18.64 -8.78
C LYS B 212 14.58 -17.39 -9.49
N GLY B 213 14.98 -16.24 -8.97
CA GLY B 213 14.65 -14.99 -9.61
C GLY B 213 15.64 -13.92 -9.25
N VAL B 214 15.74 -12.89 -10.08
CA VAL B 214 16.51 -11.73 -9.69
C VAL B 214 15.60 -10.50 -9.69
N LEU B 215 15.51 -9.86 -8.54
CA LEU B 215 14.58 -8.79 -8.29
C LEU B 215 15.29 -7.48 -8.43
N ILE B 216 14.68 -6.52 -9.09
CA ILE B 216 15.31 -5.25 -9.32
C ILE B 216 14.38 -4.12 -8.91
N ASN B 217 14.92 -3.09 -8.30
CA ASN B 217 14.14 -1.96 -7.80
C ASN B 217 13.90 -0.96 -8.91
N THR B 218 13.13 -1.37 -9.88
CA THR B 218 12.78 -0.53 -11.00
C THR B 218 11.48 -1.08 -11.54
N PHE B 219 10.82 -0.31 -12.38
CA PHE B 219 9.66 -0.80 -13.06
C PHE B 219 9.82 -0.60 -14.54
N THR B 220 8.99 -1.31 -15.29
CA THR B 220 9.11 -1.40 -16.72
C THR B 220 8.97 -0.08 -17.44
N TRP B 221 8.05 0.77 -17.01
CA TRP B 221 7.87 2.05 -17.64
C TRP B 221 9.12 2.89 -17.50
N LEU B 222 9.71 2.83 -16.32
CA LEU B 222 10.91 3.63 -15.99
C LEU B 222 12.04 3.20 -16.91
N GLU B 223 12.16 1.90 -17.13
CA GLU B 223 13.24 1.41 -17.99
C GLU B 223 12.73 0.35 -18.97
N PRO B 224 11.82 0.57 -19.91
CA PRO B 224 11.31 -0.53 -20.72
C PRO B 224 12.33 -1.29 -21.59
N GLU B 225 13.27 -0.57 -22.19
CA GLU B 225 14.33 -1.16 -23.04
C GLU B 225 15.31 -2.02 -22.25
N ALA B 226 15.72 -1.56 -21.08
CA ALA B 226 16.73 -2.25 -20.23
C ALA B 226 16.19 -3.57 -19.67
N VAL B 227 14.94 -3.59 -19.23
CA VAL B 227 14.32 -4.79 -18.72
C VAL B 227 14.11 -5.87 -19.77
N GLU B 228 13.67 -5.45 -20.96
CA GLU B 228 13.54 -6.35 -22.08
C GLU B 228 14.89 -6.89 -22.48
N ALA B 229 15.89 -6.03 -22.47
CA ALA B 229 17.25 -6.42 -22.79
C ALA B 229 17.80 -7.43 -21.80
N LEU B 230 17.51 -7.25 -20.53
CA LEU B 230 17.99 -8.21 -19.55
C LEU B 230 17.35 -9.56 -19.82
N LYS B 231 16.08 -9.58 -20.19
CA LYS B 231 15.39 -10.83 -20.48
C LYS B 231 15.99 -11.53 -21.69
N ARG B 232 16.31 -10.75 -22.71
CA ARG B 232 16.92 -11.25 -23.93
C ARG B 232 18.33 -11.77 -23.74
N ASN B 233 19.07 -11.11 -22.86
CA ASN B 233 20.50 -11.29 -22.71
C ASN B 233 20.88 -12.33 -21.67
N GLY B 234 19.93 -13.16 -21.28
CA GLY B 234 20.25 -14.25 -20.37
C GLY B 234 19.83 -14.09 -18.93
N VAL B 235 19.01 -13.09 -18.67
CA VAL B 235 18.47 -12.92 -17.34
C VAL B 235 16.98 -12.79 -17.48
N ASP B 236 16.33 -13.88 -17.84
CA ASP B 236 14.90 -13.87 -18.04
C ASP B 236 14.14 -14.13 -16.77
N HIS B 237 14.87 -14.39 -15.70
CA HIS B 237 14.27 -14.57 -14.38
C HIS B 237 14.25 -13.27 -13.58
N ILE B 238 14.62 -12.17 -14.20
CA ILE B 238 14.56 -10.87 -13.57
C ILE B 238 13.14 -10.50 -13.25
N LEU B 239 12.91 -9.92 -12.08
CA LEU B 239 11.59 -9.42 -11.72
C LEU B 239 11.63 -7.96 -11.36
N PRO B 240 10.87 -7.13 -12.06
CA PRO B 240 10.90 -5.70 -11.76
C PRO B 240 9.89 -5.41 -10.69
N ILE B 241 10.42 -5.24 -9.50
CA ILE B 241 9.66 -5.19 -8.28
C ILE B 241 9.51 -3.77 -7.73
N GLY B 242 10.09 -2.82 -8.42
CA GLY B 242 10.10 -1.43 -7.96
C GLY B 242 8.80 -0.69 -8.08
N PRO B 243 8.64 0.44 -7.38
CA PRO B 243 9.64 0.88 -6.43
C PRO B 243 9.41 0.24 -5.07
N LEU B 244 10.46 -0.02 -4.30
CA LEU B 244 10.30 -0.59 -2.98
C LEU B 244 9.62 0.39 -2.05
N GLU B 245 8.82 -0.16 -1.15
CA GLU B 245 8.08 0.60 -0.15
C GLU B 245 8.91 1.17 0.98
N ALA B 246 8.52 2.33 1.46
CA ALA B 246 9.20 3.01 2.54
C ALA B 246 9.13 2.30 3.88
N ILE B 247 10.22 2.37 4.62
CA ILE B 247 10.39 1.70 5.93
C ILE B 247 9.67 2.51 7.01
N LYS B 248 9.22 1.87 8.10
CA LYS B 248 8.54 2.53 9.25
C LYS B 248 9.50 3.52 9.92
N ALA B 249 9.00 4.59 10.55
CA ALA B 249 9.94 5.60 11.07
C ALA B 249 9.69 6.04 12.53
N GLU B 250 10.75 6.60 13.13
CA GLU B 250 10.84 7.15 14.51
C GLU B 250 9.92 8.36 14.69
N GLU B 251 9.77 9.18 13.65
CA GLU B 251 8.93 10.41 13.63
C GLU B 251 9.34 11.46 14.66
N SER B 252 10.64 11.79 14.73
CA SER B 252 11.13 12.85 15.66
C SER B 252 10.54 14.21 15.27
N ASP B 253 10.18 15.03 16.27
CA ASP B 253 9.55 16.37 16.03
C ASP B 253 10.59 17.48 16.13
N MET B 254 11.85 17.11 15.85
CA MET B 254 13.08 17.94 15.97
C MET B 254 13.59 18.50 14.63
N ASP B 255 13.66 17.69 13.58
CA ASP B 255 14.21 18.17 12.28
C ASP B 255 13.05 18.64 11.40
N LEU B 256 11.85 18.56 11.98
CA LEU B 256 10.53 18.91 11.39
C LEU B 256 10.23 20.41 11.30
N PRO B 257 10.57 21.26 12.28
CA PRO B 257 10.13 22.66 12.32
C PRO B 257 10.47 23.62 11.19
N TRP B 258 11.70 23.64 10.69
CA TRP B 258 12.01 24.57 9.59
C TRP B 258 11.20 24.15 8.35
N LEU B 259 11.11 22.85 8.11
CA LEU B 259 10.37 22.36 6.92
C LEU B 259 8.91 22.75 7.02
N GLU B 260 8.34 22.70 8.22
CA GLU B 260 6.94 23.03 8.39
C GLU B 260 6.69 24.49 8.07
N GLU B 261 7.64 25.33 8.42
CA GLU B 261 7.53 26.77 8.19
C GLU B 261 7.45 27.19 6.73
N GLN B 262 8.20 26.52 5.86
CA GLN B 262 8.31 26.91 4.46
C GLN B 262 7.10 26.63 3.60
N ALA B 263 6.97 27.40 2.53
CA ALA B 263 5.91 27.24 1.53
C ALA B 263 6.14 26.01 0.70
N PRO B 264 5.07 25.49 0.11
CA PRO B 264 5.17 24.25 -0.65
C PRO B 264 5.99 24.38 -1.91
N LYS B 265 6.83 23.39 -2.16
CA LYS B 265 7.63 23.29 -3.35
C LYS B 265 8.71 24.35 -3.45
N SER B 266 9.05 24.97 -2.33
CA SER B 266 9.99 26.11 -2.41
C SER B 266 11.34 25.77 -1.83
N VAL B 267 11.52 24.53 -1.40
CA VAL B 267 12.74 24.17 -0.71
C VAL B 267 13.49 23.15 -1.49
N LEU B 268 14.79 23.38 -1.64
CA LEU B 268 15.62 22.45 -2.37
C LEU B 268 16.32 21.56 -1.39
N PHE B 269 16.27 20.27 -1.65
CA PHE B 269 16.91 19.30 -0.80
C PHE B 269 18.16 18.85 -1.51
N ILE B 270 19.27 18.83 -0.80
CA ILE B 270 20.51 18.36 -1.38
C ILE B 270 21.08 17.23 -0.55
N SER B 271 21.49 16.17 -1.22
CA SER B 271 22.16 15.04 -0.55
C SER B 271 23.07 14.37 -1.57
N PHE B 272 24.34 14.21 -1.25
CA PHE B 272 25.25 13.60 -2.20
C PHE B 272 25.52 12.13 -1.93
N GLY B 273 24.74 11.53 -1.05
CA GLY B 273 24.79 10.10 -0.86
C GLY B 273 24.68 9.67 0.58
N SER B 274 24.82 8.38 0.82
CA SER B 274 25.08 7.86 2.14
C SER B 274 26.43 8.35 2.62
N ARG B 275 27.34 8.43 1.67
CA ARG B 275 28.73 8.73 1.91
C ARG B 275 29.07 10.10 1.33
N GLY B 276 30.16 10.69 1.77
CA GLY B 276 30.62 11.94 1.20
C GLY B 276 31.04 11.78 -0.24
N ALA B 277 30.80 12.80 -1.06
CA ALA B 277 31.14 12.72 -2.48
C ALA B 277 32.30 13.56 -3.00
N HIS B 278 32.34 14.84 -2.62
CA HIS B 278 33.13 15.81 -3.36
C HIS B 278 34.21 16.51 -2.54
N THR B 279 35.14 17.15 -3.24
CA THR B 279 36.18 17.97 -2.63
C THR B 279 35.60 19.22 -2.00
N LYS B 280 36.29 19.75 -1.01
CA LYS B 280 35.82 20.92 -0.31
C LYS B 280 35.71 22.08 -1.26
N GLU B 281 36.66 22.17 -2.17
CA GLU B 281 36.66 23.23 -3.14
C GLU B 281 35.44 23.12 -4.03
N GLN B 282 35.11 21.89 -4.43
CA GLN B 282 33.91 21.63 -5.21
C GLN B 282 32.62 21.93 -4.47
N LEU B 283 32.56 21.52 -3.22
CA LEU B 283 31.39 21.76 -2.38
C LEU B 283 31.18 23.24 -2.15
N ARG B 284 32.28 23.95 -1.99
CA ARG B 284 32.27 25.40 -1.85
C ARG B 284 31.76 26.06 -3.11
N GLU B 285 32.13 25.50 -4.26
CA GLU B 285 31.70 25.98 -5.60
C GLU B 285 30.19 25.91 -5.67
N PHE B 286 29.66 24.76 -5.26
CA PHE B 286 28.22 24.52 -5.19
C PHE B 286 27.51 25.36 -4.14
N ALA B 287 28.14 25.52 -2.98
CA ALA B 287 27.57 26.34 -1.90
C ALA B 287 27.43 27.79 -2.31
N ALA B 288 28.41 28.30 -3.03
CA ALA B 288 28.33 29.64 -3.58
C ALA B 288 27.23 29.80 -4.60
N ALA B 289 27.07 28.78 -5.44
CA ALA B 289 26.06 28.72 -6.48
C ALA B 289 24.68 28.72 -5.88
N LEU B 290 24.55 28.03 -4.76
CA LEU B 290 23.29 27.89 -4.08
C LEU B 290 22.76 29.24 -3.63
N GLU B 291 23.64 30.08 -3.11
CA GLU B 291 23.27 31.42 -2.70
C GLU B 291 22.79 32.20 -3.89
N LYS B 292 23.45 32.00 -5.02
CA LYS B 292 23.11 32.68 -6.26
C LYS B 292 21.72 32.32 -6.74
N SER B 293 21.37 31.05 -6.69
CA SER B 293 20.05 30.66 -7.22
C SER B 293 18.95 31.46 -6.51
N GLY B 294 18.94 31.46 -5.23
CA GLY B 294 17.83 32.04 -4.50
C GLY B 294 16.86 31.04 -3.95
N TRP B 295 17.15 29.76 -4.13
CA TRP B 295 16.37 28.67 -3.60
C TRP B 295 16.43 28.72 -2.11
N ARG B 296 15.34 28.36 -1.45
CA ARG B 296 15.36 27.95 -0.06
C ARG B 296 15.95 26.56 -0.08
N PHE B 297 16.71 26.16 0.93
CA PHE B 297 17.31 24.83 0.88
C PHE B 297 17.43 24.04 2.17
N LEU B 298 17.44 22.71 2.04
CA LEU B 298 17.84 21.84 3.12
C LEU B 298 18.92 20.93 2.59
N TRP B 299 20.14 21.11 3.09
CA TRP B 299 21.32 20.36 2.59
C TRP B 299 21.77 19.37 3.65
N VAL B 300 21.80 18.08 3.31
CA VAL B 300 22.33 17.07 4.27
C VAL B 300 23.78 16.79 3.89
N LEU B 301 24.70 17.24 4.73
CA LEU B 301 26.15 17.25 4.44
C LEU B 301 26.89 16.13 5.19
N LYS B 302 27.84 15.50 4.50
CA LYS B 302 28.68 14.44 5.10
C LYS B 302 30.13 14.63 4.65
N SER B 303 31.09 14.67 5.58
CA SER B 303 32.54 14.74 5.22
C SER B 303 32.84 13.43 4.49
N GLY B 304 32.36 12.34 5.05
CA GLY B 304 32.32 11.11 4.25
C GLY B 304 33.54 10.23 4.18
N LYS B 305 34.32 10.39 3.12
CA LYS B 305 35.31 9.35 2.75
C LYS B 305 34.38 8.13 2.72
N VAL B 306 34.54 7.19 3.66
CA VAL B 306 33.56 6.14 3.76
C VAL B 306 32.81 6.07 5.08
N ASP B 307 33.43 6.55 6.15
CA ASP B 307 32.89 6.30 7.49
C ASP B 307 32.52 7.49 8.35
N ARG B 308 31.35 7.38 8.96
CA ARG B 308 30.85 8.37 9.90
C ARG B 308 31.78 8.47 11.09
N GLU B 309 32.32 7.34 11.51
CA GLU B 309 33.17 7.26 12.69
C GLU B 309 34.41 8.12 12.52
N ASP B 310 34.93 8.15 11.30
CA ASP B 310 36.15 8.91 11.01
C ASP B 310 35.89 10.35 10.59
N LYS B 311 34.63 10.77 10.55
CA LYS B 311 34.30 12.15 10.08
C LYS B 311 34.44 13.14 11.23
N GLU B 312 35.66 13.51 11.56
CA GLU B 312 35.95 14.45 12.67
C GLU B 312 35.46 15.86 12.34
N GLU B 313 35.81 16.35 11.15
CA GLU B 313 35.53 17.72 10.66
C GLU B 313 34.05 18.05 10.54
N THR B 314 33.65 19.24 10.99
CA THR B 314 32.24 19.66 10.87
C THR B 314 32.18 21.11 10.40
N GLU B 315 31.74 21.38 9.17
CA GLU B 315 31.61 22.77 8.63
C GLU B 315 32.95 23.52 8.61
N ASP B 316 34.01 22.78 8.33
CA ASP B 316 35.39 23.26 8.08
C ASP B 316 35.46 23.10 6.57
N ILE B 317 34.34 22.64 6.02
CA ILE B 317 34.06 22.37 4.60
C ILE B 317 33.41 23.62 4.02
N LEU B 318 32.52 24.27 4.80
CA LEU B 318 31.81 25.38 4.16
C LEU B 318 32.24 26.75 4.64
N GLY B 319 32.62 26.85 5.90
CA GLY B 319 32.96 28.11 6.51
C GLY B 319 31.78 28.76 7.19
N SER B 320 32.07 29.61 8.18
CA SER B 320 31.06 30.33 8.94
C SER B 320 30.26 31.35 8.15
N SER B 321 30.93 32.05 7.25
CA SER B 321 30.31 33.18 6.59
C SER B 321 29.09 32.76 5.79
N PHE B 322 29.20 31.64 5.11
CA PHE B 322 28.14 31.13 4.26
C PHE B 322 26.92 30.84 5.09
N LEU B 323 27.15 30.22 6.24
CA LEU B 323 26.09 29.84 7.14
C LEU B 323 25.36 31.05 7.66
N GLU B 324 26.11 32.09 7.96
CA GLU B 324 25.50 33.31 8.47
C GLU B 324 24.60 33.98 7.45
N ARG B 325 25.07 34.07 6.21
CA ARG B 325 24.32 34.73 5.14
C ARG B 325 23.04 34.02 4.78
N THR B 326 23.08 32.69 4.80
CA THR B 326 21.97 31.87 4.37
C THR B 326 21.13 31.40 5.52
N LYS B 327 21.39 31.92 6.70
CA LYS B 327 20.74 31.43 7.90
C LYS B 327 19.25 31.57 7.78
N ASN B 328 18.82 32.67 7.19
CA ASN B 328 17.41 32.94 7.02
C ASN B 328 16.69 31.94 6.12
N ARG B 329 17.31 31.56 5.01
CA ARG B 329 16.66 30.67 4.07
C ARG B 329 17.24 29.27 3.94
N GLY B 330 18.22 28.91 4.75
CA GLY B 330 18.82 27.61 4.60
C GLY B 330 19.10 26.88 5.87
N VAL B 331 19.07 25.56 5.80
CA VAL B 331 19.55 24.74 6.89
C VAL B 331 20.54 23.73 6.38
N VAL B 332 21.64 23.56 7.08
CA VAL B 332 22.56 22.51 6.72
C VAL B 332 22.61 21.52 7.85
N ILE B 333 22.30 20.27 7.53
CA ILE B 333 22.32 19.19 8.49
C ILE B 333 23.55 18.40 8.18
N LYS B 334 24.34 18.13 9.20
CA LYS B 334 25.55 17.35 9.04
C LYS B 334 25.27 15.98 9.56
N GLY B 335 25.68 14.97 8.80
CA GLY B 335 25.39 13.60 9.17
C GLY B 335 24.13 13.08 8.53
N TRP B 336 23.61 12.01 9.10
CA TRP B 336 22.44 11.33 8.58
C TRP B 336 21.12 12.07 8.75
N ALA B 337 20.25 11.86 7.79
CA ALA B 337 18.87 12.35 7.86
C ALA B 337 17.95 11.28 7.29
N ASP B 338 16.66 11.41 7.56
CA ASP B 338 15.67 10.50 6.96
C ASP B 338 15.22 11.17 5.67
N GLN B 339 15.89 10.84 4.57
CA GLN B 339 15.71 11.50 3.24
C GLN B 339 14.36 11.23 2.62
N GLU B 340 13.87 10.00 2.72
CA GLU B 340 12.59 9.64 2.09
C GLU B 340 11.48 10.45 2.76
N ARG B 341 11.54 10.61 4.08
CA ARG B 341 10.57 11.40 4.80
C ARG B 341 10.63 12.87 4.40
N ILE B 342 11.83 13.39 4.23
CA ILE B 342 12.00 14.77 3.80
C ILE B 342 11.49 15.07 2.40
N LEU B 343 11.76 14.18 1.47
CA LEU B 343 11.36 14.38 0.09
C LEU B 343 9.86 14.42 -0.01
N ALA B 344 9.22 13.61 0.82
CA ALA B 344 7.78 13.47 0.91
C ALA B 344 7.07 14.72 1.39
N HIS B 345 7.82 15.60 2.04
CA HIS B 345 7.29 16.83 2.62
C HIS B 345 6.79 17.83 1.59
N SER B 346 5.76 18.57 1.97
CA SER B 346 5.10 19.51 1.10
C SER B 346 6.05 20.60 0.65
N ALA B 347 6.95 20.95 1.56
CA ALA B 347 7.98 21.97 1.36
C ALA B 347 8.98 21.67 0.25
N ILE B 348 9.38 20.43 0.07
CA ILE B 348 10.42 20.10 -0.89
C ILE B 348 10.00 20.37 -2.33
N GLY B 349 10.84 21.08 -3.07
CA GLY B 349 10.55 21.40 -4.45
C GLY B 349 11.58 20.94 -5.47
N GLY B 350 12.71 20.47 -5.00
CA GLY B 350 13.73 19.98 -5.89
C GLY B 350 14.70 19.10 -5.18
N PHE B 351 15.39 18.24 -5.92
CA PHE B 351 16.37 17.37 -5.33
C PHE B 351 17.67 17.42 -6.11
N VAL B 352 18.76 17.78 -5.46
CA VAL B 352 20.05 17.71 -6.11
C VAL B 352 20.64 16.45 -5.58
N SER B 353 20.89 15.49 -6.46
CA SER B 353 21.16 14.14 -6.06
C SER B 353 22.41 13.59 -6.69
N HIS B 354 23.03 12.62 -6.02
CA HIS B 354 24.19 11.93 -6.53
C HIS B 354 23.77 10.85 -7.48
N CYS B 355 22.47 10.63 -7.57
CA CYS B 355 21.91 9.64 -8.48
C CYS B 355 22.29 8.20 -8.24
N GLY B 356 22.37 7.83 -6.98
CA GLY B 356 22.41 6.44 -6.58
C GLY B 356 21.01 5.94 -6.82
N TRP B 357 20.86 4.67 -7.15
CA TRP B 357 19.57 4.20 -7.58
C TRP B 357 18.45 4.29 -6.54
N ASN B 358 18.75 4.03 -5.29
CA ASN B 358 17.71 4.05 -4.30
C ASN B 358 17.11 5.43 -4.22
N SER B 359 17.96 6.43 -4.28
CA SER B 359 17.57 7.82 -4.27
C SER B 359 16.75 8.28 -5.48
N VAL B 360 17.11 7.80 -6.66
CA VAL B 360 16.39 8.17 -7.86
C VAL B 360 14.96 7.69 -7.78
N VAL B 361 14.79 6.47 -7.30
CA VAL B 361 13.46 5.89 -7.18
C VAL B 361 12.59 6.62 -6.21
N GLU B 362 13.16 7.04 -5.10
CA GLU B 362 12.40 7.78 -4.13
C GLU B 362 11.93 9.08 -4.74
N ALA B 363 12.79 9.73 -5.50
CA ALA B 363 12.40 10.95 -6.19
C ALA B 363 11.34 10.72 -7.25
N ALA B 364 11.48 9.66 -8.03
CA ALA B 364 10.51 9.32 -9.03
C ALA B 364 9.22 8.94 -8.39
N LYS B 365 9.34 8.14 -7.34
CA LYS B 365 8.18 7.62 -6.58
C LYS B 365 7.45 8.79 -5.90
N LEU B 366 8.18 9.77 -5.40
CA LEU B 366 7.59 10.90 -4.71
C LEU B 366 7.41 12.13 -5.57
N GLY B 367 7.76 12.02 -6.85
CA GLY B 367 7.63 13.14 -7.78
C GLY B 367 8.40 14.42 -7.52
N VAL B 368 9.65 14.31 -7.11
CA VAL B 368 10.47 15.49 -6.88
C VAL B 368 11.47 15.68 -8.01
N PRO B 369 11.48 16.88 -8.58
CA PRO B 369 12.37 17.17 -9.72
C PRO B 369 13.83 17.16 -9.32
N VAL B 370 14.65 16.60 -10.19
CA VAL B 370 16.04 16.30 -9.88
C VAL B 370 17.00 17.06 -10.77
N LEU B 371 18.05 17.59 -10.15
CA LEU B 371 19.23 18.01 -10.87
C LEU B 371 20.24 16.95 -10.53
N ALA B 372 20.78 16.32 -11.55
CA ALA B 372 21.61 15.14 -11.37
C ALA B 372 23.07 15.47 -11.30
N TRP B 373 23.75 14.96 -10.29
CA TRP B 373 25.19 15.21 -10.17
C TRP B 373 25.87 13.95 -9.69
N PRO B 374 26.01 12.93 -10.54
CA PRO B 374 26.64 11.68 -10.15
C PRO B 374 28.16 11.73 -10.14
N PRO B 375 28.82 11.40 -9.01
CA PRO B 375 30.26 11.43 -8.94
C PRO B 375 31.04 10.12 -9.12
N HIS B 376 30.47 8.99 -8.70
CA HIS B 376 31.22 7.71 -8.77
C HIS B 376 30.31 6.56 -9.19
N GLY B 377 30.93 5.46 -9.63
CA GLY B 377 30.30 4.19 -9.84
C GLY B 377 29.15 4.11 -10.81
N ASP B 378 28.06 3.41 -10.48
CA ASP B 378 27.01 3.29 -11.52
C ASP B 378 26.20 4.57 -11.58
N GLN B 379 26.48 5.51 -10.68
CA GLN B 379 25.69 6.72 -10.63
C GLN B 379 25.58 7.48 -11.95
N ARG B 380 26.62 7.50 -12.76
CA ARG B 380 26.53 8.18 -14.06
C ARG B 380 25.52 7.54 -15.02
N VAL B 381 25.47 6.23 -15.03
CA VAL B 381 24.47 5.52 -15.81
C VAL B 381 23.05 5.80 -15.30
N ASN B 382 22.91 5.89 -13.99
CA ASN B 382 21.63 6.19 -13.36
C ASN B 382 21.11 7.54 -13.76
N ALA B 383 22.01 8.51 -13.88
CA ALA B 383 21.70 9.87 -14.30
C ALA B 383 21.16 9.87 -15.71
N GLU B 384 21.65 8.94 -16.52
CA GLU B 384 21.22 8.79 -17.93
C GLU B 384 19.78 8.34 -17.95
N VAL B 385 19.39 7.56 -16.95
CA VAL B 385 17.99 7.21 -16.77
C VAL B 385 17.13 8.37 -16.30
N VAL B 386 17.66 9.19 -15.41
CA VAL B 386 16.91 10.33 -14.91
C VAL B 386 16.59 11.26 -16.07
N GLU B 387 17.54 11.43 -16.96
CA GLU B 387 17.36 12.23 -18.17
C GLU B 387 16.35 11.68 -19.17
N LYS B 388 16.38 10.38 -19.41
CA LYS B 388 15.45 9.75 -20.34
C LYS B 388 14.02 9.88 -19.86
N VAL B 389 13.83 9.65 -18.57
CA VAL B 389 12.55 9.71 -17.92
C VAL B 389 11.93 11.10 -17.86
N GLY B 390 12.74 12.13 -17.84
CA GLY B 390 12.24 13.48 -17.72
C GLY B 390 12.09 13.89 -16.27
N LEU B 391 12.56 13.03 -15.39
CA LEU B 391 12.64 13.26 -13.94
C LEU B 391 13.59 14.37 -13.52
N GLY B 392 14.68 14.51 -14.23
CA GLY B 392 15.74 15.40 -13.81
C GLY B 392 16.51 16.14 -14.88
N LEU B 393 17.29 17.11 -14.43
CA LEU B 393 18.22 17.83 -15.29
C LEU B 393 19.62 17.33 -15.02
N TRP B 394 20.34 16.98 -16.06
CA TRP B 394 21.68 16.46 -15.95
C TRP B 394 22.63 17.12 -16.91
N VAL B 395 23.84 17.44 -16.46
CA VAL B 395 24.91 17.84 -17.36
C VAL B 395 25.98 16.77 -17.39
N ARG B 396 26.12 16.11 -18.54
CA ARG B 396 27.07 15.04 -18.74
C ARG B 396 28.51 15.49 -18.59
N GLY B 397 28.78 16.72 -19.00
CA GLY B 397 30.12 17.27 -19.04
C GLY B 397 30.82 17.44 -17.71
N TRP B 398 30.07 17.39 -16.63
CA TRP B 398 30.62 17.54 -15.30
C TRP B 398 31.62 16.46 -14.92
N GLY B 399 31.37 15.24 -15.34
CA GLY B 399 32.34 14.18 -15.19
C GLY B 399 32.32 13.48 -13.86
N TRP B 400 33.29 12.61 -13.64
CA TRP B 400 33.38 11.88 -12.40
C TRP B 400 33.80 12.85 -11.35
N ALA B 401 33.56 12.52 -10.09
CA ALA B 401 33.91 13.43 -9.02
C ALA B 401 35.41 13.64 -8.92
N GLY B 402 35.79 14.91 -8.84
CA GLY B 402 37.18 15.30 -8.73
C GLY B 402 37.95 15.45 -10.03
N GLU B 403 37.32 15.11 -11.15
CA GLU B 403 37.95 15.27 -12.44
C GLU B 403 38.20 16.70 -12.87
N ARG B 404 37.22 17.56 -12.66
CA ARG B 404 37.36 18.95 -13.03
C ARG B 404 36.52 19.75 -12.08
N LEU B 405 36.96 20.95 -11.75
CA LEU B 405 36.17 21.77 -10.85
C LEU B 405 35.06 22.41 -11.63
N ILE B 406 33.84 22.37 -11.11
CA ILE B 406 32.74 22.99 -11.79
C ILE B 406 32.37 24.25 -11.05
N GLY B 407 32.30 25.35 -11.79
CA GLY B 407 32.16 26.67 -11.24
C GLY B 407 30.80 27.02 -10.71
N ARG B 408 30.74 28.05 -9.88
CA ARG B 408 29.51 28.45 -9.24
C ARG B 408 28.47 28.87 -10.25
N ASP B 409 28.89 29.62 -11.26
CA ASP B 409 27.98 30.10 -12.29
C ASP B 409 27.37 28.99 -13.12
N GLU B 410 28.18 28.01 -13.46
CA GLU B 410 27.69 26.86 -14.20
C GLU B 410 26.69 26.05 -13.41
N ILE B 411 26.99 25.82 -12.14
CA ILE B 411 26.07 25.17 -11.24
C ILE B 411 24.84 26.02 -11.01
N ALA B 412 25.08 27.33 -10.86
CA ALA B 412 24.02 28.26 -10.57
C ALA B 412 23.00 28.30 -11.68
N GLU B 413 23.45 28.19 -12.92
CA GLU B 413 22.58 28.15 -14.07
C GLU B 413 21.64 26.95 -14.04
N LYS B 414 22.18 25.79 -13.69
CA LYS B 414 21.40 24.58 -13.58
C LYS B 414 20.36 24.63 -12.48
N LEU B 415 20.73 25.25 -11.36
CA LEU B 415 19.82 25.47 -10.24
C LEU B 415 18.66 26.37 -10.59
N ILE B 416 18.92 27.42 -11.34
CA ILE B 416 17.86 28.30 -11.78
C ILE B 416 16.89 27.56 -12.69
N GLU B 417 17.43 26.72 -13.56
CA GLU B 417 16.62 25.98 -14.48
C GLU B 417 15.68 25.07 -13.72
N LEU B 418 16.16 24.49 -12.65
CA LEU B 418 15.36 23.54 -11.89
C LEU B 418 14.13 24.23 -11.36
N ARG B 419 14.32 25.44 -10.87
CA ARG B 419 13.26 26.30 -10.36
C ARG B 419 12.26 26.69 -11.42
N ASN B 420 12.77 27.00 -12.59
CA ASN B 420 11.94 27.61 -13.62
C ASN B 420 11.39 26.66 -14.64
N ASP B 421 11.76 25.40 -14.59
CA ASP B 421 11.33 24.49 -15.64
C ASP B 421 9.96 23.97 -15.32
N GLU B 422 8.97 24.54 -15.98
CA GLU B 422 7.59 24.11 -15.91
C GLU B 422 7.35 22.75 -16.52
N ARG B 423 7.99 22.49 -17.66
CA ARG B 423 7.84 21.23 -18.37
C ARG B 423 8.36 20.07 -17.55
N LEU B 424 9.46 20.30 -16.86
CA LEU B 424 10.05 19.28 -16.01
C LEU B 424 9.03 18.93 -14.97
N ARG B 425 8.34 19.94 -14.47
CA ARG B 425 7.36 19.75 -13.43
C ARG B 425 6.28 18.82 -13.93
N GLU B 426 5.88 18.99 -15.18
CA GLU B 426 4.87 18.15 -15.78
C GLU B 426 5.32 16.70 -15.85
N ARG B 427 6.54 16.49 -16.32
CA ARG B 427 7.08 15.17 -16.50
C ARG B 427 7.31 14.45 -15.20
N VAL B 428 7.77 15.15 -14.19
CA VAL B 428 8.01 14.53 -12.92
C VAL B 428 6.69 14.04 -12.35
N LYS B 429 5.65 14.82 -12.55
CA LYS B 429 4.31 14.44 -12.15
C LYS B 429 3.85 13.22 -12.89
N GLU B 430 4.19 13.17 -14.18
CA GLU B 430 3.92 12.01 -15.00
C GLU B 430 4.69 10.80 -14.51
N VAL B 431 5.92 11.04 -14.09
CA VAL B 431 6.76 9.99 -13.55
C VAL B 431 6.19 9.42 -12.27
N ARG B 432 5.65 10.29 -11.44
CA ARG B 432 5.03 9.90 -10.19
C ARG B 432 3.80 9.03 -10.40
N GLU B 433 3.00 9.37 -11.38
CA GLU B 433 1.82 8.63 -11.70
C GLU B 433 2.19 7.24 -12.12
N LYS B 434 3.24 7.16 -12.91
CA LYS B 434 3.71 5.89 -13.43
C LYS B 434 4.19 4.99 -12.31
N ALA B 435 4.85 5.60 -11.33
CA ALA B 435 5.26 4.93 -10.12
C ALA B 435 4.09 4.46 -9.28
N ARG B 436 3.05 5.29 -9.21
CA ARG B 436 1.86 4.97 -8.46
C ARG B 436 1.21 3.74 -9.01
N GLU B 437 1.22 3.62 -10.32
CA GLU B 437 0.58 2.53 -11.00
C GLU B 437 1.19 1.18 -10.67
N GLU B 438 2.49 1.13 -10.55
CA GLU B 438 3.19 -0.11 -10.27
C GLU B 438 2.85 -0.63 -8.88
N ARG B 439 2.46 0.28 -8.00
CA ARG B 439 2.07 -0.05 -6.64
C ARG B 439 0.60 -0.43 -6.47
N GLU B 440 -0.17 -0.37 -7.54
CA GLU B 440 -1.57 -0.75 -7.52
C GLU B 440 -1.67 -2.26 -7.39
N SER B 441 -2.84 -2.74 -6.99
CA SER B 441 -3.03 -4.16 -6.73
C SER B 441 -2.85 -5.04 -7.96
N GLY B 442 -3.29 -4.56 -9.10
CA GLY B 442 -3.17 -5.32 -10.32
C GLY B 442 -1.88 -5.10 -11.04
N GLY B 443 -1.04 -4.23 -10.48
CA GLY B 443 0.22 -3.84 -11.09
C GLY B 443 1.23 -4.95 -11.14
N ILE B 444 2.16 -4.83 -12.09
CA ILE B 444 3.14 -5.86 -12.31
C ILE B 444 4.04 -6.08 -11.10
N SER B 445 4.47 -5.00 -10.48
CA SER B 445 5.35 -5.12 -9.33
C SER B 445 4.69 -5.83 -8.17
N GLU B 446 3.43 -5.54 -7.93
CA GLU B 446 2.67 -6.24 -6.90
C GLU B 446 2.34 -7.67 -7.27
N THR B 447 1.96 -7.87 -8.53
CA THR B 447 1.67 -9.19 -9.02
C THR B 447 2.89 -10.08 -8.99
N LEU B 448 4.02 -9.55 -9.41
CA LEU B 448 5.23 -10.34 -9.42
C LEU B 448 5.62 -10.73 -8.02
N ILE B 449 5.53 -9.80 -7.09
CA ILE B 449 5.86 -10.10 -5.70
C ILE B 449 4.91 -11.07 -5.03
N ARG B 450 3.62 -10.87 -5.24
CA ARG B 450 2.63 -11.75 -4.67
C ARG B 450 2.74 -13.15 -5.23
N ASP B 451 3.04 -13.26 -6.51
CA ASP B 451 3.21 -14.55 -7.13
C ASP B 451 4.38 -15.34 -6.58
N LEU B 452 5.48 -14.64 -6.34
CA LEU B 452 6.72 -15.26 -5.79
C LEU B 452 6.41 -15.80 -4.39
N ILE B 453 5.63 -15.06 -3.60
CA ILE B 453 5.27 -15.47 -2.21
C ILE B 453 4.32 -16.65 -2.29
N HIS B 454 3.43 -16.65 -3.28
CA HIS B 454 2.46 -17.76 -3.43
C HIS B 454 3.23 -19.03 -3.78
N SER B 455 4.08 -18.93 -4.79
CA SER B 455 4.89 -20.04 -5.35
C SER B 455 5.86 -20.52 -4.28
N LEU B 456 6.19 -19.61 -3.38
CA LEU B 456 7.16 -19.84 -2.30
C LEU B 456 6.45 -20.50 -1.13
N LYS B 457 5.92 -21.69 -1.30
CA LYS B 457 5.24 -22.35 -0.17
C LYS B 457 6.13 -23.54 0.17
N ILE B 458 6.46 -24.34 -0.84
CA ILE B 458 7.37 -25.48 -0.55
C ILE B 458 7.96 -25.95 -1.88
N1 UPG C . -13.03 -0.76 0.47
C2 UPG C . -11.69 -0.41 0.35
N3 UPG C . -11.15 -0.11 -0.80
C4 UPG C . -11.88 -0.17 -1.90
C5 UPG C . -13.21 -0.53 -1.83
C6 UPG C . -13.78 -0.85 -0.61
O2 UPG C . -11.01 -0.36 1.37
O4 UPG C . -11.38 0.10 -2.99
C1C UPG C . -13.57 -1.09 1.76
C2C UPG C . -14.08 0.19 2.38
O2C UPG C . -13.14 0.73 3.30
C3C UPG C . -15.38 -0.19 3.03
C4C UPG C . -15.77 -1.51 2.45
O4C UPG C . -14.71 -1.91 1.61
O3C UPG C . -15.26 -0.32 4.44
C5C UPG C . -16.92 -1.27 1.53
O5C UPG C . -17.86 -2.31 1.59
PA UPG C . -19.36 -1.91 1.31
O1A UPG C . -19.40 -0.43 1.22
O2A UPG C . -20.17 -2.59 2.32
O3A UPG C . -19.59 -2.47 -0.18
PB UPG C . -19.54 -3.98 -0.76
O1B UPG C . -18.53 -4.79 -0.03
O2B UPG C . -19.43 -3.93 -2.25
O3B UPG C . -21.00 -4.54 -0.45
C1' UPG C . -21.36 -5.80 0.15
C2' UPG C . -22.68 -6.22 -0.47
C3' UPG C . -23.69 -5.08 -0.31
C4' UPG C . -23.80 -4.72 1.16
C5' UPG C . -22.43 -4.49 1.77
C6' UPG C . -22.63 -4.35 3.24
O2' UPG C . -22.51 -6.53 -1.86
O3' UPG C . -24.96 -5.54 -0.79
O4' UPG C . -24.62 -3.57 1.38
O5' UPG C . -21.61 -5.63 1.54
O6' UPG C . -23.26 -5.58 3.60
N1 UPG D . 19.65 8.13 2.91
C2 UPG D . 18.88 8.67 3.94
N3 UPG D . 19.44 9.75 4.57
C4 UPG D . 20.65 10.35 4.27
C5 UPG D . 21.37 9.75 3.19
C6 UPG D . 20.85 8.68 2.56
O2 UPG D . 17.80 8.19 4.28
O4 UPG D . 21.02 11.33 4.93
C1C UPG D . 19.09 6.96 2.21
C2C UPG D . 18.51 7.28 0.83
O2C UPG D . 17.22 7.88 0.92
C3C UPG D . 18.52 5.87 0.24
C4C UPG D . 19.92 5.40 0.68
O4C UPG D . 20.13 6.02 1.97
O3C UPG D . 17.52 5.08 0.85
C5C UPG D . 21.05 5.79 -0.24
O5C UPG D . 20.93 5.05 -1.48
PA UPG D . 21.55 5.67 -2.82
O1A UPG D . 20.86 6.96 -3.13
O2A UPG D . 21.56 4.62 -3.88
O3A UPG D . 23.05 6.00 -2.38
PB UPG D . 24.33 5.07 -2.10
O1B UPG D . 24.10 4.25 -0.88
O2B UPG D . 25.57 5.90 -2.16
O3B UPG D . 24.28 4.12 -3.40
C1' UPG D . 25.20 3.10 -3.69
C2' UPG D . 26.13 3.61 -4.79
C3' UPG D . 25.35 3.90 -6.06
C4' UPG D . 24.52 2.69 -6.45
C5' UPG D . 23.64 2.25 -5.28
C6' UPG D . 22.87 0.98 -5.57
O2' UPG D . 26.84 4.77 -4.34
O3' UPG D . 26.24 4.27 -7.11
O4' UPG D . 23.70 3.00 -7.57
O5' UPG D . 24.49 1.97 -4.16
O6' UPG D . 23.74 -0.10 -5.87
#